data_1YQ4
#
_entry.id   1YQ4
#
_cell.length_a   69.586
_cell.length_b   83.487
_cell.length_c   288.590
_cell.angle_alpha   90.00
_cell.angle_beta   90.00
_cell.angle_gamma   90.00
#
_symmetry.space_group_name_H-M   'P 21 21 21'
#
loop_
_entity.id
_entity.type
_entity.pdbx_description
1 polymer 'Succinate dehydrogenase flavoprotein subunit'
2 polymer 'succinate dehydrogenase Ip subunit'
3 polymer 'SUCCINATE DEHYDROGENASE CYTOCHROME B, LARGE SUBUNIT'
4 polymer 'SUCCINATE DEHYDROGENASE CYTOCHROME B, SMALL SUBUNIT'
5 non-polymer 'FLAVIN-ADENINE DINUCLEOTIDE'
6 non-polymer '3-NITROPROPANOIC ACID'
7 non-polymer 'FE2/S2 (INORGANIC) CLUSTER'
8 non-polymer 'IRON/SULFUR CLUSTER'
9 non-polymer 'FE3-S4 CLUSTER'
10 non-polymer GLYCEROL
11 non-polymer 'hexyl beta-D-glucopyranoside'
12 non-polymer 'PROTOPORPHYRIN IX CONTAINING FE'
13 non-polymer 'Coenzyme Q10, (2Z,6E,10Z,14E,18E,22E,26Z)-isomer'
14 non-polymer 1,2-dioleoyl-sn-glycero-3-phosphoethanolamine
15 water water
#
loop_
_entity_poly.entity_id
_entity_poly.type
_entity_poly.pdbx_seq_one_letter_code
_entity_poly.pdbx_strand_id
1 'polypeptide(L)'
;STKVSDSISTQYPVVDHEFDAVVVGAGGAGLRAAFGLSEAGFNTACVTKLFPTRSHTVAAQGGINAALGNMEDDNWRWHF
YDTVKGSDWLGDQDAIHYMTEQAPAAVIELENYGMPFSRTEEGKIYQRAFGGQSLQFGKGGQAHRCCCVADRTGHSLLHT
LYGRSLRYDTSYFVEYFALDLLMENGECRGVIALCIEDGTIHRFRAKNTVIATGGYGRTYFSCTSAHTSTGDGTAMVTRA
GLPCQDLEFVQFHPTGIYGAGCLITEGCRGEGGILINSQGERFMERYAPVAKDLASRDVVSRSMTIEIREGRGCGPEKDH
VYLQLHHLPPQQLATRLPGISETAMIFAGVDVTKEPIPVLPTVHYNMGGIPTNYKGQVITHVNGEDKVVPGLYACGEAAS
ASVHGANRLGANSLLDLVVFGRACALTIAETCKPGEPVPSIKPNAGEESVANLDKLRFADGTIRTSEARLNMQKTMQSHA
AVFRTGSILQEGCEKLSQIYRDLAHLKTFDRGIVWNTDLVETLELQNLMLCALQTIYGAEARKESRGAHAREDYKLRIDE
FDYSKPLQGQQKRPFEEHWRKHTLSYVDVKSGKVTLKYRPVIDRTLNEEDCSSVPPAIRSY
;
A
2 'polypeptide(L)'
;AQTAAAATSRIKKFSIYRWDPDKPGDKPRMQTYEVDLNKCGPMVLDALIKIKNELDSTLTFRRSCREGICGSCAMNIAGG
NTLACTKKIDPDLSKTTKIYPLPHMYVVKDLVPDLSNFYAQYKSIEPYLKKKDESKQGKEQYLQSIEDRQKLDGLYECIL
CACCSTSCPSYWWNGDKYLGPAVLMQAYRWMIDSRDDYTEERLAQLQDPFSLYRCHTIMNCTRTCPKGLNPGKAIAEIKK
MMATYKEKAAAA
;
B
3 'polypeptide(L)'
;MATTAKEEMARFWEKNTKSSRPLSPHISIYKWSLPMAMSITHRGTGVALSLGVSLFSLAALLLPEQFPHYVAVVKSLSLS
PALIYSAKFALVFPLSYHTWNGIRHLVWDMGKGFKLSQVEQSGVVVLILTLLSSAGIAAIS
;
C
4 'polypeptide(L)'
;GSSKAASLHWTSERAVSALLLGLLPAAYLYPGPAVDYSLAAALTLHGHWGLGQVITDYVHGDTPIKVANTGLYVLSAITF
TGLCYFNYYDVGICKAVAMLWSI
;
D
#
# COMPACT_ATOMS: atom_id res chain seq x y z
N ILE A 8 34.95 -5.21 -22.38
CA ILE A 8 34.12 -3.98 -22.22
C ILE A 8 34.28 -3.38 -20.82
N SER A 9 34.86 -4.15 -19.90
CA SER A 9 35.11 -3.73 -18.51
C SER A 9 33.90 -3.86 -17.59
N THR A 10 34.11 -4.49 -16.43
CA THR A 10 33.06 -4.67 -15.44
C THR A 10 33.14 -3.58 -14.36
N GLN A 11 32.70 -2.38 -14.75
CA GLN A 11 32.70 -1.21 -13.86
C GLN A 11 31.62 -1.49 -12.81
N TYR A 12 30.74 -2.40 -13.15
CA TYR A 12 29.68 -2.81 -12.27
C TYR A 12 29.94 -4.23 -11.84
N PRO A 13 29.95 -4.47 -10.53
CA PRO A 13 30.19 -5.84 -10.07
C PRO A 13 28.95 -6.67 -10.43
N VAL A 14 29.14 -7.97 -10.58
CA VAL A 14 28.02 -8.84 -10.93
C VAL A 14 27.84 -9.98 -9.93
N VAL A 15 26.60 -10.24 -9.55
CA VAL A 15 26.33 -11.34 -8.62
C VAL A 15 25.41 -12.35 -9.30
N ASP A 16 25.86 -13.58 -9.39
CA ASP A 16 25.06 -14.61 -10.04
C ASP A 16 24.27 -15.46 -9.06
N HIS A 17 23.00 -15.71 -9.38
CA HIS A 17 22.13 -16.54 -8.53
C HIS A 17 21.59 -17.71 -9.35
N GLU A 18 21.31 -18.81 -8.67
CA GLU A 18 20.80 -19.97 -9.36
C GLU A 18 19.59 -20.45 -8.62
N PHE A 19 18.45 -20.50 -9.30
CA PHE A 19 17.22 -21.00 -8.70
C PHE A 19 16.60 -21.94 -9.70
N ASP A 20 15.59 -22.68 -9.25
CA ASP A 20 14.82 -23.55 -10.11
C ASP A 20 13.94 -22.62 -10.96
N ALA A 21 13.43 -21.54 -10.32
CA ALA A 21 12.52 -20.57 -10.97
C ALA A 21 12.68 -19.10 -10.56
N VAL A 22 12.47 -18.19 -11.51
CA VAL A 22 12.56 -16.76 -11.27
C VAL A 22 11.25 -16.11 -11.67
N VAL A 23 10.55 -15.49 -10.72
CA VAL A 23 9.27 -14.80 -11.01
C VAL A 23 9.60 -13.33 -11.01
N VAL A 24 9.12 -12.62 -12.01
CA VAL A 24 9.44 -11.21 -12.09
C VAL A 24 8.19 -10.41 -12.00
N GLY A 25 8.05 -9.68 -10.89
CA GLY A 25 6.86 -8.88 -10.67
C GLY A 25 6.24 -9.43 -9.38
N ALA A 26 5.70 -8.59 -8.51
CA ALA A 26 5.13 -9.11 -7.27
C ALA A 26 3.80 -8.50 -6.99
N GLY A 27 3.06 -8.29 -8.05
CA GLY A 27 1.70 -7.81 -7.93
C GLY A 27 0.90 -9.08 -7.64
N GLY A 28 -0.40 -9.06 -7.90
CA GLY A 28 -1.25 -10.22 -7.60
C GLY A 28 -0.90 -11.49 -8.35
N ALA A 29 -0.41 -11.34 -9.57
CA ALA A 29 -0.06 -12.47 -10.38
C ALA A 29 1.31 -13.06 -9.96
N GLY A 30 2.29 -12.18 -9.85
CA GLY A 30 3.63 -12.61 -9.48
C GLY A 30 3.64 -13.31 -8.13
N LEU A 31 3.03 -12.65 -7.15
CA LEU A 31 2.99 -13.28 -5.85
C LEU A 31 2.38 -14.67 -5.95
N ARG A 32 1.22 -14.80 -6.60
CA ARG A 32 0.58 -16.12 -6.68
C ARG A 32 1.44 -17.17 -7.40
N ALA A 33 2.19 -16.71 -8.39
CA ALA A 33 3.06 -17.57 -9.15
C ALA A 33 4.24 -17.98 -8.27
N ALA A 34 4.80 -17.00 -7.58
CA ALA A 34 5.99 -17.28 -6.78
C ALA A 34 5.81 -18.25 -5.64
N PHE A 35 4.80 -18.08 -4.79
CA PHE A 35 4.68 -19.08 -3.73
C PHE A 35 3.98 -20.31 -4.26
N GLY A 36 3.31 -20.20 -5.40
CA GLY A 36 2.72 -21.39 -5.96
C GLY A 36 3.89 -22.30 -6.28
N LEU A 37 4.99 -21.72 -6.80
CA LEU A 37 6.14 -22.49 -7.16
C LEU A 37 6.79 -23.04 -5.89
N SER A 38 7.08 -22.16 -4.95
CA SER A 38 7.67 -22.61 -3.70
C SER A 38 6.81 -23.70 -3.06
N GLU A 39 5.50 -23.47 -3.05
CA GLU A 39 4.57 -24.42 -2.48
C GLU A 39 4.75 -25.79 -3.14
N ALA A 40 4.95 -25.78 -4.46
CA ALA A 40 5.14 -27.03 -5.18
C ALA A 40 6.56 -27.56 -5.08
N GLY A 41 7.36 -26.97 -4.20
CA GLY A 41 8.72 -27.44 -3.98
C GLY A 41 9.88 -26.75 -4.66
N PHE A 42 9.61 -25.84 -5.57
CA PHE A 42 10.69 -25.18 -6.28
C PHE A 42 11.38 -24.05 -5.52
N ASN A 43 12.71 -24.06 -5.56
CA ASN A 43 13.52 -23.03 -4.94
C ASN A 43 13.30 -21.85 -5.87
N THR A 44 12.44 -20.95 -5.41
CA THR A 44 11.98 -19.79 -6.16
C THR A 44 12.47 -18.41 -5.76
N ALA A 45 12.78 -17.61 -6.77
CA ALA A 45 13.19 -16.25 -6.50
C ALA A 45 12.09 -15.37 -7.06
N CYS A 46 11.76 -14.27 -6.39
CA CYS A 46 10.74 -13.32 -6.88
C CYS A 46 11.47 -11.99 -6.91
N VAL A 47 11.56 -11.41 -8.10
CA VAL A 47 12.28 -10.17 -8.32
C VAL A 47 11.30 -9.08 -8.62
N THR A 48 11.32 -8.01 -7.83
CA THR A 48 10.37 -6.94 -8.05
C THR A 48 10.98 -5.59 -7.82
N LYS A 49 10.52 -4.60 -8.57
CA LYS A 49 11.07 -3.27 -8.36
C LYS A 49 10.37 -2.57 -7.20
N LEU A 50 9.27 -3.12 -6.75
CA LEU A 50 8.54 -2.50 -5.67
C LEU A 50 8.42 -3.46 -4.53
N PHE A 51 8.23 -2.92 -3.33
CA PHE A 51 7.94 -3.81 -2.22
C PHE A 51 6.55 -4.30 -2.68
N PRO A 52 6.31 -5.60 -2.66
CA PRO A 52 5.06 -6.23 -3.08
C PRO A 52 3.73 -5.51 -2.88
N THR A 53 3.46 -4.96 -1.71
CA THR A 53 2.17 -4.34 -1.51
C THR A 53 2.04 -2.99 -2.20
N ARG A 54 3.12 -2.51 -2.77
CA ARG A 54 3.07 -1.22 -3.48
C ARG A 54 2.57 -1.36 -4.91
N SER A 55 2.52 -2.61 -5.41
CA SER A 55 2.07 -2.96 -6.76
C SER A 55 0.70 -2.41 -7.16
N HIS A 56 0.57 -2.06 -8.45
CA HIS A 56 -0.69 -1.45 -8.88
C HIS A 56 -1.92 -2.26 -8.47
N THR A 57 -1.76 -3.56 -8.36
CA THR A 57 -2.85 -4.41 -7.97
C THR A 57 -3.53 -3.89 -6.66
N VAL A 58 -2.74 -3.45 -5.69
CA VAL A 58 -3.27 -2.95 -4.47
C VAL A 58 -4.26 -1.81 -4.66
N ALA A 59 -4.41 -1.33 -5.88
CA ALA A 59 -5.31 -0.18 -6.11
C ALA A 59 -6.57 -0.64 -6.74
N ALA A 60 -6.63 -1.91 -7.10
CA ALA A 60 -7.86 -2.44 -7.69
C ALA A 60 -9.00 -2.26 -6.68
N GLN A 61 -10.19 -1.92 -7.21
CA GLN A 61 -11.34 -1.60 -6.38
C GLN A 61 -12.61 -2.47 -6.38
N GLY A 62 -13.31 -2.45 -7.51
CA GLY A 62 -14.58 -3.15 -7.68
C GLY A 62 -14.68 -4.63 -7.39
N GLY A 63 -13.70 -5.40 -7.81
CA GLY A 63 -13.77 -6.81 -7.45
C GLY A 63 -13.11 -7.80 -8.35
N ILE A 64 -13.58 -9.03 -8.20
CA ILE A 64 -13.03 -10.15 -8.94
C ILE A 64 -14.21 -11.12 -9.14
N ASN A 65 -14.53 -11.37 -10.41
CA ASN A 65 -15.63 -12.24 -10.82
C ASN A 65 -15.47 -13.74 -10.57
N ALA A 66 -16.59 -14.41 -10.27
CA ALA A 66 -16.60 -15.84 -10.02
C ALA A 66 -18.03 -16.25 -9.85
N ALA A 67 -18.40 -17.29 -10.54
CA ALA A 67 -19.76 -17.79 -10.47
C ALA A 67 -19.91 -18.59 -9.17
N LEU A 68 -20.02 -17.89 -8.05
CA LEU A 68 -20.15 -18.57 -6.78
C LEU A 68 -21.60 -18.83 -6.50
N GLY A 69 -22.43 -17.91 -6.95
CA GLY A 69 -23.84 -18.06 -6.75
C GLY A 69 -24.26 -17.71 -5.34
N ASN A 70 -23.61 -16.74 -4.72
CA ASN A 70 -24.01 -16.37 -3.40
C ASN A 70 -25.15 -15.36 -3.45
N MET A 71 -25.39 -14.75 -4.60
CA MET A 71 -26.45 -13.74 -4.69
C MET A 71 -27.69 -14.30 -5.37
N GLU A 72 -27.47 -15.16 -6.36
CA GLU A 72 -28.55 -15.80 -7.11
C GLU A 72 -27.89 -17.03 -7.74
N ASP A 73 -28.64 -17.94 -8.36
CA ASP A 73 -27.99 -19.11 -8.97
C ASP A 73 -27.12 -18.72 -10.13
N ASP A 74 -25.95 -19.33 -10.24
CA ASP A 74 -25.07 -18.94 -11.31
C ASP A 74 -24.53 -20.12 -12.09
N ASN A 75 -23.73 -19.82 -13.12
CA ASN A 75 -23.12 -20.86 -13.94
C ASN A 75 -21.83 -20.26 -14.51
N TRP A 76 -20.70 -20.89 -14.18
CA TRP A 76 -19.43 -20.38 -14.67
C TRP A 76 -19.46 -20.25 -16.17
N ARG A 77 -20.23 -21.11 -16.83
CA ARG A 77 -20.34 -21.09 -18.27
C ARG A 77 -20.96 -19.80 -18.75
N TRP A 78 -21.86 -19.26 -17.93
CA TRP A 78 -22.48 -17.99 -18.29
C TRP A 78 -21.41 -16.89 -18.20
N HIS A 79 -20.48 -17.06 -17.25
CA HIS A 79 -19.41 -16.10 -17.04
C HIS A 79 -18.47 -16.22 -18.22
N PHE A 80 -18.30 -17.45 -18.69
CA PHE A 80 -17.45 -17.75 -19.83
C PHE A 80 -17.97 -17.00 -21.04
N TYR A 81 -19.28 -17.06 -21.22
CA TYR A 81 -19.90 -16.41 -22.36
C TYR A 81 -19.76 -14.89 -22.31
N ASP A 82 -20.01 -14.34 -21.12
CA ASP A 82 -19.94 -12.92 -20.96
C ASP A 82 -18.53 -12.48 -21.36
N THR A 83 -17.53 -13.25 -20.96
CA THR A 83 -16.15 -12.87 -21.27
C THR A 83 -15.84 -13.00 -22.75
N VAL A 84 -16.28 -14.09 -23.35
CA VAL A 84 -16.05 -14.30 -24.75
C VAL A 84 -16.72 -13.15 -25.52
N LYS A 85 -17.97 -12.86 -25.19
CA LYS A 85 -18.70 -11.79 -25.87
C LYS A 85 -18.02 -10.47 -25.56
N GLY A 86 -17.59 -10.35 -24.31
CA GLY A 86 -16.91 -9.13 -23.89
C GLY A 86 -15.68 -8.88 -24.74
N SER A 87 -14.90 -9.91 -25.00
CA SER A 87 -13.68 -9.75 -25.76
C SER A 87 -13.87 -9.40 -27.22
N ASP A 88 -15.12 -9.35 -27.66
CA ASP A 88 -15.45 -9.05 -29.06
C ASP A 88 -14.80 -10.03 -29.99
N TRP A 89 -14.74 -11.27 -29.50
CA TRP A 89 -14.19 -12.43 -30.19
C TRP A 89 -12.73 -12.43 -30.54
N LEU A 90 -11.97 -11.59 -29.86
CA LEU A 90 -10.54 -11.58 -30.08
C LEU A 90 -9.88 -12.39 -28.95
N GLY A 91 -10.72 -12.97 -28.08
CA GLY A 91 -10.21 -13.76 -26.97
C GLY A 91 -10.11 -15.26 -27.19
N ASP A 92 -8.99 -15.84 -26.79
CA ASP A 92 -8.77 -17.26 -26.94
C ASP A 92 -9.67 -17.98 -25.95
N GLN A 93 -10.66 -18.70 -26.46
CA GLN A 93 -11.67 -19.36 -25.64
C GLN A 93 -11.24 -20.53 -24.77
N ASP A 94 -10.07 -21.08 -25.06
CA ASP A 94 -9.56 -22.18 -24.25
C ASP A 94 -9.15 -21.52 -22.94
N ALA A 95 -8.45 -20.39 -23.05
CA ALA A 95 -7.99 -19.61 -21.90
C ALA A 95 -9.18 -19.13 -21.10
N ILE A 96 -10.14 -18.50 -21.80
CA ILE A 96 -11.33 -17.98 -21.15
C ILE A 96 -12.08 -19.12 -20.49
N HIS A 97 -12.04 -20.27 -21.13
CA HIS A 97 -12.74 -21.39 -20.53
C HIS A 97 -12.05 -21.66 -19.21
N TYR A 98 -10.73 -21.83 -19.25
CA TYR A 98 -9.92 -22.11 -18.04
C TYR A 98 -10.12 -21.08 -16.98
N MET A 99 -9.98 -19.84 -17.39
CA MET A 99 -10.13 -18.76 -16.45
C MET A 99 -11.47 -18.78 -15.75
N THR A 100 -12.57 -18.83 -16.50
CA THR A 100 -13.88 -18.78 -15.81
C THR A 100 -14.31 -20.02 -15.05
N GLU A 101 -13.84 -21.20 -15.46
CA GLU A 101 -14.23 -22.39 -14.74
C GLU A 101 -13.42 -22.46 -13.45
N GLN A 102 -12.22 -21.92 -13.48
CA GLN A 102 -11.37 -21.93 -12.29
C GLN A 102 -11.77 -20.86 -11.26
N ALA A 103 -12.46 -19.80 -11.73
CA ALA A 103 -12.80 -18.68 -10.87
C ALA A 103 -13.27 -18.99 -9.46
N PRO A 104 -14.38 -19.74 -9.33
CA PRO A 104 -14.95 -20.12 -8.02
C PRO A 104 -13.87 -20.70 -7.12
N ALA A 105 -13.14 -21.68 -7.61
CA ALA A 105 -12.09 -22.23 -6.79
C ALA A 105 -11.06 -21.17 -6.45
N ALA A 106 -10.65 -20.35 -7.42
CA ALA A 106 -9.63 -19.35 -7.15
C ALA A 106 -10.09 -18.32 -6.10
N VAL A 107 -11.35 -17.93 -6.15
CA VAL A 107 -11.85 -16.95 -5.19
C VAL A 107 -12.02 -17.61 -3.82
N ILE A 108 -12.55 -18.81 -3.80
CA ILE A 108 -12.70 -19.49 -2.52
C ILE A 108 -11.32 -19.59 -1.87
N GLU A 109 -10.28 -19.76 -2.70
CA GLU A 109 -8.89 -19.87 -2.21
C GLU A 109 -8.41 -18.54 -1.62
N LEU A 110 -8.85 -17.44 -2.20
CA LEU A 110 -8.43 -16.18 -1.64
C LEU A 110 -9.11 -16.03 -0.31
N GLU A 111 -10.39 -16.37 -0.21
CA GLU A 111 -11.08 -16.23 1.07
C GLU A 111 -10.45 -17.10 2.13
N ASN A 112 -10.12 -18.34 1.78
CA ASN A 112 -9.51 -19.23 2.77
C ASN A 112 -8.14 -18.76 3.22
N TYR A 113 -7.55 -17.84 2.44
CA TYR A 113 -6.28 -17.24 2.77
C TYR A 113 -6.52 -16.09 3.76
N GLY A 114 -7.78 -15.70 3.94
CA GLY A 114 -8.11 -14.62 4.84
C GLY A 114 -8.59 -13.34 4.19
N MET A 115 -8.72 -13.32 2.88
CA MET A 115 -9.20 -12.10 2.24
C MET A 115 -10.47 -11.69 2.92
N PRO A 116 -10.51 -10.49 3.52
CA PRO A 116 -11.72 -10.01 4.23
C PRO A 116 -12.85 -9.61 3.31
N PHE A 117 -13.37 -10.59 2.56
CA PHE A 117 -14.47 -10.27 1.68
C PHE A 117 -15.65 -9.76 2.46
N SER A 118 -16.48 -8.96 1.78
CA SER A 118 -17.69 -8.44 2.37
C SER A 118 -18.62 -9.61 2.40
N ARG A 119 -19.58 -9.58 3.31
CA ARG A 119 -20.47 -10.71 3.49
C ARG A 119 -21.95 -10.51 3.21
N THR A 120 -22.62 -11.60 2.86
CA THR A 120 -24.06 -11.57 2.65
C THR A 120 -24.67 -12.00 3.98
N GLU A 121 -26.00 -11.94 4.04
CA GLU A 121 -26.72 -12.33 5.25
C GLU A 121 -26.42 -13.78 5.65
N GLU A 122 -26.02 -14.58 4.67
CA GLU A 122 -25.71 -15.98 4.89
C GLU A 122 -24.22 -16.25 5.19
N GLY A 123 -23.49 -15.20 5.56
CA GLY A 123 -22.09 -15.37 5.90
C GLY A 123 -21.17 -15.67 4.73
N LYS A 124 -21.69 -15.51 3.49
CA LYS A 124 -20.90 -15.78 2.30
C LYS A 124 -20.39 -14.51 1.62
N ILE A 125 -19.54 -14.73 0.63
CA ILE A 125 -18.94 -13.63 -0.12
C ILE A 125 -20.01 -12.84 -0.87
N TYR A 126 -20.08 -11.58 -0.56
CA TYR A 126 -21.03 -10.68 -1.18
C TYR A 126 -20.47 -10.33 -2.57
N GLN A 127 -21.34 -10.42 -3.59
CA GLN A 127 -21.00 -10.12 -4.96
C GLN A 127 -21.99 -9.07 -5.47
N ARG A 128 -21.45 -8.13 -6.24
CA ARG A 128 -22.18 -7.02 -6.81
C ARG A 128 -22.25 -7.23 -8.30
N ALA A 129 -23.09 -6.44 -8.97
CA ALA A 129 -23.23 -6.47 -10.43
C ALA A 129 -22.06 -5.69 -11.04
N PHE A 130 -21.66 -6.01 -12.26
CA PHE A 130 -20.56 -5.27 -12.90
C PHE A 130 -20.91 -5.24 -14.36
N GLY A 131 -20.18 -4.42 -15.12
CA GLY A 131 -20.48 -4.24 -16.53
C GLY A 131 -20.41 -5.45 -17.44
N GLY A 132 -21.48 -5.67 -18.19
CA GLY A 132 -21.53 -6.79 -19.12
C GLY A 132 -21.71 -8.21 -18.61
N GLN A 133 -22.13 -8.41 -17.38
CA GLN A 133 -22.30 -9.78 -16.92
C GLN A 133 -23.76 -10.15 -16.89
N SER A 134 -24.07 -11.31 -17.44
CA SER A 134 -25.44 -11.72 -17.55
C SER A 134 -25.69 -13.14 -17.05
N LEU A 135 -26.96 -13.50 -16.91
CA LEU A 135 -27.30 -14.84 -16.48
C LEU A 135 -27.81 -15.48 -17.76
N GLN A 136 -27.78 -16.82 -17.85
CA GLN A 136 -28.28 -17.55 -19.03
C GLN A 136 -27.75 -17.03 -20.38
N PHE A 137 -26.45 -17.13 -20.58
CA PHE A 137 -25.79 -16.69 -21.81
C PHE A 137 -26.32 -15.41 -22.42
N GLY A 138 -26.55 -14.41 -21.59
CA GLY A 138 -27.05 -13.17 -22.12
C GLY A 138 -28.56 -13.06 -22.18
N LYS A 139 -29.26 -14.09 -21.74
CA LYS A 139 -30.71 -13.99 -21.80
C LYS A 139 -31.47 -13.73 -20.51
N GLY A 140 -30.87 -14.02 -19.36
CA GLY A 140 -31.57 -13.85 -18.10
C GLY A 140 -31.31 -12.68 -17.18
N GLY A 141 -30.84 -11.57 -17.73
CA GLY A 141 -30.62 -10.42 -16.88
C GLY A 141 -29.27 -10.30 -16.20
N GLN A 142 -29.13 -9.18 -15.50
CA GLN A 142 -27.92 -8.80 -14.76
C GLN A 142 -27.37 -9.84 -13.81
N ALA A 143 -26.08 -10.12 -13.95
CA ALA A 143 -25.36 -11.08 -13.10
C ALA A 143 -24.81 -10.33 -11.89
N HIS A 144 -24.58 -11.03 -10.80
CA HIS A 144 -24.05 -10.45 -9.55
C HIS A 144 -22.94 -11.37 -9.15
N ARG A 145 -21.82 -11.32 -9.84
CA ARG A 145 -20.75 -12.25 -9.48
C ARG A 145 -19.41 -11.56 -9.19
N CYS A 146 -19.48 -10.28 -8.96
CA CYS A 146 -18.26 -9.60 -8.64
C CYS A 146 -18.02 -9.70 -7.13
N CYS A 147 -17.24 -10.70 -6.72
CA CYS A 147 -16.92 -10.86 -5.29
C CYS A 147 -16.07 -9.67 -4.92
N CYS A 148 -16.22 -9.19 -3.68
CA CYS A 148 -15.48 -8.01 -3.30
C CYS A 148 -15.27 -7.66 -1.85
N VAL A 149 -14.30 -6.76 -1.67
CA VAL A 149 -13.95 -6.21 -0.38
C VAL A 149 -14.31 -4.75 -0.50
N ALA A 150 -15.57 -4.41 -0.22
CA ALA A 150 -16.02 -3.01 -0.38
C ALA A 150 -15.51 -2.56 -1.76
N ASP A 151 -14.93 -1.37 -1.84
CA ASP A 151 -14.37 -0.95 -3.13
C ASP A 151 -12.85 -0.98 -3.06
N ARG A 152 -12.30 -1.84 -2.18
CA ARG A 152 -10.83 -2.00 -2.02
C ARG A 152 -10.44 -3.45 -2.20
N THR A 153 -10.97 -4.11 -3.21
CA THR A 153 -10.64 -5.51 -3.38
C THR A 153 -9.16 -5.77 -3.75
N GLY A 154 -8.56 -4.86 -4.55
CA GLY A 154 -7.16 -5.00 -4.97
C GLY A 154 -6.23 -4.89 -3.78
N HIS A 155 -6.45 -3.86 -2.97
CA HIS A 155 -5.67 -3.68 -1.75
C HIS A 155 -5.72 -4.96 -0.88
N SER A 156 -6.92 -5.52 -0.67
CA SER A 156 -7.05 -6.71 0.20
C SER A 156 -6.50 -7.95 -0.41
N LEU A 157 -6.70 -8.05 -1.72
CA LEU A 157 -6.23 -9.20 -2.45
C LEU A 157 -4.70 -9.22 -2.37
N LEU A 158 -4.07 -8.07 -2.58
CA LEU A 158 -2.60 -8.01 -2.55
C LEU A 158 -2.05 -8.22 -1.16
N HIS A 159 -2.76 -7.73 -0.14
CA HIS A 159 -2.26 -7.93 1.22
C HIS A 159 -2.45 -9.34 1.67
N THR A 160 -3.56 -9.93 1.24
CA THR A 160 -3.79 -11.30 1.60
C THR A 160 -2.72 -12.18 0.95
N LEU A 161 -2.47 -11.97 -0.34
CA LEU A 161 -1.47 -12.80 -1.01
C LEU A 161 -0.06 -12.61 -0.47
N TYR A 162 0.31 -11.38 -0.14
CA TYR A 162 1.65 -11.14 0.37
C TYR A 162 1.78 -11.86 1.70
N GLY A 163 0.74 -11.73 2.52
CA GLY A 163 0.75 -12.37 3.84
C GLY A 163 0.88 -13.88 3.72
N ARG A 164 0.15 -14.43 2.76
CA ARG A 164 0.22 -15.85 2.50
C ARG A 164 1.64 -16.28 2.04
N SER A 165 2.27 -15.49 1.17
CA SER A 165 3.60 -15.80 0.68
C SER A 165 4.63 -15.85 1.79
N LEU A 166 4.37 -15.13 2.86
CA LEU A 166 5.29 -15.14 4.00
C LEU A 166 5.44 -16.54 4.59
N ARG A 167 4.59 -17.49 4.18
CA ARG A 167 4.70 -18.85 4.71
C ARG A 167 5.62 -19.79 3.92
N TYR A 168 6.26 -19.33 2.85
CA TYR A 168 7.06 -20.25 2.05
C TYR A 168 8.45 -19.74 1.86
N ASP A 169 9.36 -20.66 1.55
CA ASP A 169 10.78 -20.35 1.39
C ASP A 169 11.20 -19.57 0.15
N THR A 170 10.26 -18.85 -0.46
CA THR A 170 10.53 -18.02 -1.64
C THR A 170 11.55 -16.94 -1.33
N SER A 171 12.55 -16.74 -2.19
CA SER A 171 13.54 -15.70 -1.93
C SER A 171 13.17 -14.45 -2.72
N TYR A 172 12.91 -13.35 -2.01
CA TYR A 172 12.53 -12.12 -2.65
C TYR A 172 13.71 -11.18 -2.84
N PHE A 173 13.67 -10.44 -3.92
CA PHE A 173 14.72 -9.48 -4.23
C PHE A 173 13.94 -8.24 -4.53
N VAL A 174 13.61 -7.54 -3.45
CA VAL A 174 12.82 -6.34 -3.50
C VAL A 174 13.60 -5.13 -3.92
N GLU A 175 12.97 -4.35 -4.77
CA GLU A 175 13.53 -3.13 -5.34
C GLU A 175 14.76 -3.45 -6.19
N TYR A 176 14.56 -4.45 -7.05
CA TYR A 176 15.52 -4.91 -8.02
C TYR A 176 14.76 -4.65 -9.29
N PHE A 177 15.43 -4.05 -10.25
CA PHE A 177 14.81 -3.70 -11.52
C PHE A 177 15.31 -4.65 -12.60
N ALA A 178 14.40 -5.48 -13.12
CA ALA A 178 14.74 -6.43 -14.17
C ALA A 178 14.98 -5.66 -15.46
N LEU A 179 16.16 -5.89 -16.06
CA LEU A 179 16.60 -5.22 -17.29
C LEU A 179 16.25 -5.94 -18.57
N ASP A 180 16.68 -7.20 -18.65
CA ASP A 180 16.41 -8.01 -19.82
C ASP A 180 16.36 -9.47 -19.43
N LEU A 181 15.93 -10.29 -20.38
CA LEU A 181 15.88 -11.73 -20.22
C LEU A 181 17.23 -12.31 -20.59
N LEU A 182 17.56 -13.46 -20.05
CA LEU A 182 18.81 -14.11 -20.43
C LEU A 182 18.46 -15.19 -21.43
N MET A 183 18.39 -14.80 -22.69
CA MET A 183 18.03 -15.70 -23.79
C MET A 183 19.17 -16.47 -24.41
N GLU A 184 18.96 -17.76 -24.56
CA GLU A 184 19.92 -18.58 -25.26
C GLU A 184 19.21 -19.65 -26.09
N ASN A 185 19.51 -19.66 -27.39
CA ASN A 185 18.94 -20.62 -28.31
C ASN A 185 17.44 -20.69 -28.16
N GLY A 186 16.82 -19.51 -28.21
CA GLY A 186 15.38 -19.39 -28.07
C GLY A 186 14.75 -19.84 -26.76
N GLU A 187 15.57 -20.16 -25.75
CA GLU A 187 15.10 -20.63 -24.45
C GLU A 187 15.47 -19.61 -23.38
N CYS A 188 14.62 -19.42 -22.38
CA CYS A 188 14.95 -18.43 -21.36
C CYS A 188 15.75 -19.04 -20.22
N ARG A 189 16.90 -18.46 -19.94
CA ARG A 189 17.80 -18.97 -18.90
C ARG A 189 17.69 -18.19 -17.60
N GLY A 190 16.94 -17.09 -17.66
CA GLY A 190 16.78 -16.26 -16.47
C GLY A 190 16.56 -14.80 -16.80
N VAL A 191 17.01 -13.92 -15.90
CA VAL A 191 16.88 -12.48 -16.12
C VAL A 191 18.05 -11.79 -15.46
N ILE A 192 18.32 -10.58 -15.91
CA ILE A 192 19.39 -9.81 -15.31
C ILE A 192 18.75 -8.55 -14.75
N ALA A 193 19.29 -8.06 -13.65
CA ALA A 193 18.73 -6.86 -13.03
C ALA A 193 19.69 -5.98 -12.27
N LEU A 194 19.18 -4.80 -12.02
CA LEU A 194 19.83 -3.79 -11.25
C LEU A 194 19.24 -3.78 -9.81
N CYS A 195 20.09 -4.03 -8.80
CA CYS A 195 19.65 -3.96 -7.40
C CYS A 195 19.71 -2.49 -7.05
N ILE A 196 18.57 -1.86 -6.93
CA ILE A 196 18.56 -0.45 -6.66
C ILE A 196 19.18 0.00 -5.34
N GLU A 197 19.02 -0.77 -4.28
CA GLU A 197 19.57 -0.36 -3.00
C GLU A 197 21.08 -0.27 -2.98
N ASP A 198 21.78 -1.15 -3.71
CA ASP A 198 23.23 -1.07 -3.67
C ASP A 198 24.01 -0.90 -4.98
N GLY A 199 23.31 -0.63 -6.08
CA GLY A 199 23.99 -0.44 -7.35
C GLY A 199 24.66 -1.65 -7.98
N THR A 200 24.23 -2.85 -7.61
CA THR A 200 24.83 -4.04 -8.17
C THR A 200 24.00 -4.70 -9.28
N ILE A 201 24.67 -5.48 -10.12
CA ILE A 201 24.04 -6.17 -11.23
C ILE A 201 23.88 -7.62 -10.81
N HIS A 202 22.72 -8.19 -11.10
CA HIS A 202 22.44 -9.56 -10.69
C HIS A 202 21.83 -10.39 -11.81
N ARG A 203 22.34 -11.61 -11.94
CA ARG A 203 21.89 -12.53 -12.95
C ARG A 203 21.31 -13.69 -12.22
N PHE A 204 20.01 -13.86 -12.42
CA PHE A 204 19.30 -14.96 -11.80
C PHE A 204 19.05 -16.02 -12.82
N ARG A 205 19.88 -17.05 -12.79
CA ARG A 205 19.74 -18.18 -13.68
C ARG A 205 18.68 -19.10 -13.11
N ALA A 206 17.72 -19.46 -13.94
CA ALA A 206 16.69 -20.40 -13.51
C ALA A 206 16.23 -21.14 -14.75
N LYS A 207 15.57 -22.26 -14.52
CA LYS A 207 15.10 -23.09 -15.60
C LYS A 207 13.83 -22.51 -16.17
N ASN A 208 13.13 -21.76 -15.34
CA ASN A 208 11.87 -21.16 -15.71
C ASN A 208 11.81 -19.76 -15.19
N THR A 209 11.28 -18.88 -16.02
CA THR A 209 11.14 -17.47 -15.71
C THR A 209 9.69 -17.12 -15.97
N VAL A 210 9.07 -16.38 -15.06
CA VAL A 210 7.65 -16.00 -15.18
C VAL A 210 7.69 -14.51 -15.20
N ILE A 211 6.96 -13.91 -16.11
CA ILE A 211 6.96 -12.48 -16.16
C ILE A 211 5.56 -11.96 -15.90
N ALA A 212 5.42 -11.26 -14.78
CA ALA A 212 4.16 -10.71 -14.30
C ALA A 212 4.39 -9.26 -13.93
N THR A 213 4.98 -8.52 -14.85
CA THR A 213 5.33 -7.15 -14.63
C THR A 213 4.26 -6.05 -14.77
N GLY A 214 3.01 -6.43 -14.95
CA GLY A 214 1.98 -5.40 -15.07
C GLY A 214 1.78 -4.74 -16.44
N GLY A 215 0.93 -3.72 -16.51
CA GLY A 215 0.71 -3.10 -17.79
C GLY A 215 1.62 -1.89 -18.06
N TYR A 216 1.23 -1.07 -19.01
CA TYR A 216 1.97 0.13 -19.34
C TYR A 216 1.04 1.31 -19.67
N GLY A 217 0.15 1.65 -18.75
CA GLY A 217 -0.76 2.78 -18.97
C GLY A 217 -0.06 4.12 -19.02
N ARG A 218 1.14 4.19 -18.47
CA ARG A 218 1.92 5.42 -18.45
C ARG A 218 2.53 5.74 -19.83
N THR A 219 2.06 5.07 -20.85
CA THR A 219 2.52 5.41 -22.18
C THR A 219 1.64 6.62 -22.48
N TYR A 220 0.53 6.74 -21.76
CA TYR A 220 -0.40 7.85 -21.95
C TYR A 220 -0.20 9.00 -20.97
N PHE A 221 -0.73 10.14 -21.32
CA PHE A 221 -0.55 11.31 -20.48
C PHE A 221 -1.46 11.25 -19.25
N SER A 222 -2.62 10.67 -19.46
CA SER A 222 -3.62 10.54 -18.43
C SER A 222 -4.02 9.08 -18.35
N CYS A 223 -3.71 8.44 -17.21
CA CYS A 223 -4.07 7.04 -16.96
C CYS A 223 -4.55 6.87 -15.52
N THR A 224 -5.10 5.70 -15.20
CA THR A 224 -5.51 5.41 -13.83
C THR A 224 -4.32 4.68 -13.17
N SER A 225 -3.46 4.15 -14.02
CA SER A 225 -2.28 3.39 -13.65
C SER A 225 -1.31 4.14 -12.75
N ALA A 226 -0.44 3.38 -12.09
CA ALA A 226 0.57 3.93 -11.20
C ALA A 226 1.76 4.46 -12.02
N HIS A 227 2.56 5.34 -11.42
CA HIS A 227 3.72 5.84 -12.14
C HIS A 227 4.60 4.64 -12.49
N THR A 228 4.43 3.54 -11.73
CA THR A 228 5.21 2.31 -11.93
C THR A 228 4.78 1.32 -13.02
N SER A 229 3.64 1.57 -13.66
CA SER A 229 3.14 0.71 -14.73
C SER A 229 3.83 1.16 -16.01
N THR A 230 5.02 0.64 -16.22
CA THR A 230 5.80 1.10 -17.36
C THR A 230 6.16 0.03 -18.38
N GLY A 231 5.42 -1.07 -18.33
CA GLY A 231 5.60 -2.21 -19.21
C GLY A 231 6.99 -2.82 -19.28
N ASP A 232 7.72 -2.77 -18.18
CA ASP A 232 9.08 -3.26 -18.18
C ASP A 232 9.33 -4.65 -18.73
N GLY A 233 8.43 -5.57 -18.44
CA GLY A 233 8.59 -6.93 -18.88
C GLY A 233 8.20 -7.05 -20.30
N THR A 234 7.15 -6.31 -20.70
CA THR A 234 6.66 -6.31 -22.06
C THR A 234 7.86 -5.94 -22.95
N ALA A 235 8.56 -4.91 -22.51
CA ALA A 235 9.75 -4.40 -23.15
C ALA A 235 10.89 -5.42 -23.20
N MET A 236 11.13 -6.15 -22.11
CA MET A 236 12.21 -7.15 -22.15
C MET A 236 11.88 -8.27 -23.16
N VAL A 237 10.58 -8.46 -23.48
CA VAL A 237 10.21 -9.51 -24.42
C VAL A 237 10.68 -8.99 -25.75
N THR A 238 10.20 -7.80 -26.08
CA THR A 238 10.59 -7.16 -27.31
C THR A 238 12.08 -7.27 -27.58
N ARG A 239 12.86 -6.91 -26.57
CA ARG A 239 14.30 -6.91 -26.70
C ARG A 239 14.87 -8.29 -26.81
N ALA A 240 14.08 -9.30 -26.47
CA ALA A 240 14.52 -10.68 -26.58
C ALA A 240 14.24 -11.12 -28.01
N GLY A 241 13.59 -10.25 -28.78
CA GLY A 241 13.23 -10.57 -30.15
C GLY A 241 11.87 -11.27 -30.24
N LEU A 242 11.22 -11.46 -29.10
CA LEU A 242 9.94 -12.14 -29.06
C LEU A 242 8.82 -11.14 -29.38
N PRO A 243 7.69 -11.63 -29.88
CA PRO A 243 6.62 -10.71 -30.22
C PRO A 243 5.71 -10.45 -29.03
N CYS A 244 5.05 -9.30 -29.07
CA CYS A 244 4.09 -8.90 -28.06
C CYS A 244 2.81 -8.97 -28.84
N GLN A 245 1.71 -9.16 -28.15
CA GLN A 245 0.45 -9.29 -28.86
C GLN A 245 -0.58 -8.22 -28.49
N ASP A 246 -1.51 -8.00 -29.42
CA ASP A 246 -2.62 -7.04 -29.28
C ASP A 246 -2.34 -5.80 -28.47
N LEU A 247 -1.23 -5.13 -28.70
CA LEU A 247 -0.91 -3.95 -27.93
C LEU A 247 -1.75 -2.75 -28.23
N GLU A 248 -2.38 -2.74 -29.40
CA GLU A 248 -3.23 -1.60 -29.73
C GLU A 248 -4.55 -1.66 -28.98
N PHE A 249 -4.83 -2.79 -28.29
CA PHE A 249 -6.08 -2.93 -27.55
C PHE A 249 -5.94 -2.40 -26.12
N VAL A 250 -6.17 -1.09 -26.03
CA VAL A 250 -6.06 -0.34 -24.80
C VAL A 250 -7.41 -0.02 -24.24
N GLN A 251 -7.60 -0.35 -22.98
CA GLN A 251 -8.88 -0.10 -22.40
C GLN A 251 -9.00 1.23 -21.74
N PHE A 252 -10.01 2.00 -22.14
CA PHE A 252 -10.25 3.27 -21.49
C PHE A 252 -11.40 3.00 -20.55
N HIS A 253 -11.12 3.14 -19.26
CA HIS A 253 -12.13 2.92 -18.25
C HIS A 253 -13.06 4.11 -18.29
N PRO A 254 -14.36 3.85 -18.24
CA PRO A 254 -15.37 4.90 -18.27
C PRO A 254 -15.18 6.02 -17.27
N THR A 255 -14.81 5.65 -16.04
CA THR A 255 -14.72 6.65 -15.01
C THR A 255 -13.46 6.89 -14.20
N GLY A 256 -12.49 7.53 -14.85
CA GLY A 256 -11.29 7.95 -14.15
C GLY A 256 -11.76 9.34 -13.70
N ILE A 257 -11.42 9.77 -12.48
CA ILE A 257 -11.86 11.07 -12.00
C ILE A 257 -11.20 12.24 -12.76
N TYR A 258 -11.99 13.26 -13.05
CA TYR A 258 -11.51 14.40 -13.82
C TYR A 258 -10.39 15.11 -13.12
N GLY A 259 -9.26 15.23 -13.82
CA GLY A 259 -8.13 15.90 -13.21
C GLY A 259 -7.05 14.95 -12.77
N ALA A 260 -7.24 14.33 -11.61
CA ALA A 260 -6.23 13.42 -11.08
C ALA A 260 -6.05 12.12 -11.91
N GLY A 261 -7.14 11.63 -12.50
CA GLY A 261 -7.06 10.42 -13.27
C GLY A 261 -7.40 9.17 -12.47
N CYS A 262 -7.34 9.25 -11.13
CA CYS A 262 -7.67 8.10 -10.27
C CYS A 262 -8.94 7.47 -10.73
N LEU A 263 -8.96 6.16 -10.67
CA LEU A 263 -10.12 5.43 -11.10
C LEU A 263 -11.25 5.56 -10.10
N ILE A 264 -12.50 5.59 -10.60
CA ILE A 264 -13.68 5.55 -9.75
C ILE A 264 -14.37 4.26 -10.18
N THR A 265 -14.11 3.17 -9.44
CA THR A 265 -14.69 1.85 -9.78
C THR A 265 -16.04 1.84 -10.50
N GLU A 266 -16.19 0.84 -11.35
CA GLU A 266 -17.40 0.57 -12.10
C GLU A 266 -18.38 0.08 -11.04
N GLY A 267 -17.84 -0.34 -9.90
CA GLY A 267 -18.66 -0.81 -8.80
C GLY A 267 -19.69 0.23 -8.44
N CYS A 268 -19.38 1.49 -8.72
CA CYS A 268 -20.31 2.59 -8.45
C CYS A 268 -21.55 2.34 -9.32
N ARG A 269 -21.32 2.07 -10.59
CA ARG A 269 -22.45 1.81 -11.44
C ARG A 269 -23.09 0.49 -11.07
N GLY A 270 -22.30 -0.46 -10.60
CA GLY A 270 -22.84 -1.76 -10.22
C GLY A 270 -23.81 -1.68 -9.05
N GLU A 271 -23.57 -0.74 -8.15
CA GLU A 271 -24.40 -0.53 -7.00
C GLU A 271 -25.60 0.41 -7.26
N GLY A 272 -25.72 0.92 -8.49
CA GLY A 272 -26.84 1.81 -8.82
C GLY A 272 -26.49 3.23 -9.29
N GLY A 273 -25.19 3.49 -9.51
CA GLY A 273 -24.72 4.79 -9.96
C GLY A 273 -25.06 5.01 -11.41
N ILE A 274 -25.17 6.26 -11.83
CA ILE A 274 -25.53 6.58 -13.22
C ILE A 274 -24.74 7.72 -13.85
N LEU A 275 -24.46 7.60 -15.13
CA LEU A 275 -23.72 8.65 -15.82
C LEU A 275 -24.71 9.70 -16.31
N ILE A 276 -24.36 10.97 -16.16
CA ILE A 276 -25.24 12.07 -16.59
C ILE A 276 -24.54 13.20 -17.32
N ASN A 277 -25.12 13.63 -18.44
CA ASN A 277 -24.56 14.71 -19.24
C ASN A 277 -24.93 16.08 -18.71
N SER A 278 -24.45 17.11 -19.40
CA SER A 278 -24.68 18.49 -18.99
C SER A 278 -26.14 18.91 -19.13
N GLN A 279 -27.00 17.94 -19.42
CA GLN A 279 -28.40 18.24 -19.56
C GLN A 279 -29.28 17.33 -18.70
N GLY A 280 -28.65 16.75 -17.68
CA GLY A 280 -29.36 15.85 -16.78
C GLY A 280 -29.77 14.51 -17.36
N GLU A 281 -29.37 14.23 -18.60
CA GLU A 281 -29.75 12.96 -19.22
C GLU A 281 -28.88 11.77 -18.84
N ARG A 282 -29.54 10.63 -18.63
CA ARG A 282 -28.87 9.39 -18.33
C ARG A 282 -28.69 8.81 -19.73
N PHE A 283 -27.77 9.42 -20.47
CA PHE A 283 -27.55 9.03 -21.86
C PHE A 283 -27.35 7.55 -22.18
N MET A 284 -26.87 6.77 -21.22
CA MET A 284 -26.68 5.36 -21.55
C MET A 284 -28.02 4.70 -21.88
N GLU A 285 -29.13 5.22 -21.36
CA GLU A 285 -30.41 4.61 -21.70
C GLU A 285 -30.65 4.76 -23.18
N ARG A 286 -29.81 5.57 -23.84
CA ARG A 286 -29.92 5.83 -25.27
C ARG A 286 -28.89 5.08 -26.13
N TYR A 287 -27.74 4.75 -25.54
CA TYR A 287 -26.70 4.06 -26.28
C TYR A 287 -26.71 2.55 -26.08
N ALA A 288 -27.25 2.11 -24.95
CA ALA A 288 -27.35 0.70 -24.62
C ALA A 288 -28.66 0.60 -23.86
N PRO A 289 -29.76 0.68 -24.59
CA PRO A 289 -31.08 0.61 -23.96
C PRO A 289 -31.28 -0.46 -22.89
N VAL A 290 -30.62 -1.61 -23.02
CA VAL A 290 -30.80 -2.67 -22.03
C VAL A 290 -29.84 -2.60 -20.83
N ALA A 291 -28.53 -2.66 -21.11
CA ALA A 291 -27.50 -2.63 -20.07
C ALA A 291 -27.29 -1.25 -19.47
N LYS A 292 -27.62 -0.22 -20.23
CA LYS A 292 -27.46 1.15 -19.81
C LYS A 292 -26.06 1.45 -19.30
N ASP A 293 -25.97 1.81 -18.03
CA ASP A 293 -24.68 2.15 -17.44
C ASP A 293 -23.81 0.92 -17.21
N LEU A 294 -24.40 -0.25 -17.37
CA LEU A 294 -23.65 -1.49 -17.20
C LEU A 294 -23.28 -2.17 -18.52
N ALA A 295 -23.05 -1.37 -19.55
CA ALA A 295 -22.64 -1.90 -20.86
C ALA A 295 -21.16 -2.25 -20.78
N SER A 296 -20.55 -2.74 -21.85
CA SER A 296 -19.13 -3.02 -21.75
C SER A 296 -18.39 -1.70 -21.62
N ARG A 297 -17.16 -1.78 -21.13
CA ARG A 297 -16.37 -0.58 -20.94
C ARG A 297 -16.07 0.15 -22.26
N ASP A 298 -15.70 -0.57 -23.31
CA ASP A 298 -15.39 0.10 -24.57
C ASP A 298 -16.62 0.92 -25.02
N VAL A 299 -17.79 0.35 -24.84
CA VAL A 299 -19.04 0.99 -25.22
C VAL A 299 -19.34 2.22 -24.38
N VAL A 300 -19.41 2.02 -23.07
CA VAL A 300 -19.65 3.14 -22.19
C VAL A 300 -18.62 4.26 -22.45
N SER A 301 -17.35 3.90 -22.57
CA SER A 301 -16.34 4.94 -22.84
C SER A 301 -16.52 5.71 -24.15
N ARG A 302 -16.95 5.04 -25.21
CA ARG A 302 -17.19 5.72 -26.48
C ARG A 302 -18.37 6.66 -26.34
N SER A 303 -19.45 6.11 -25.78
CA SER A 303 -20.70 6.82 -25.55
C SER A 303 -20.49 8.11 -24.77
N MET A 304 -19.64 8.06 -23.75
CA MET A 304 -19.38 9.23 -22.94
C MET A 304 -18.61 10.20 -23.77
N THR A 305 -17.73 9.66 -24.61
CA THR A 305 -16.87 10.50 -25.44
C THR A 305 -17.65 11.32 -26.46
N ILE A 306 -18.60 10.68 -27.14
CA ILE A 306 -19.42 11.38 -28.13
C ILE A 306 -20.21 12.52 -27.48
N GLU A 307 -20.82 12.22 -26.34
CA GLU A 307 -21.58 13.18 -25.54
C GLU A 307 -20.77 14.45 -25.30
N ILE A 308 -19.49 14.28 -25.04
CA ILE A 308 -18.62 15.41 -24.76
C ILE A 308 -18.28 16.20 -26.01
N ARG A 309 -17.75 15.55 -27.02
CA ARG A 309 -17.39 16.25 -28.26
C ARG A 309 -18.63 16.74 -28.98
N GLU A 310 -19.79 16.19 -28.62
CA GLU A 310 -21.03 16.63 -29.23
C GLU A 310 -21.55 17.84 -28.50
N GLY A 311 -20.84 18.27 -27.47
CA GLY A 311 -21.26 19.45 -26.72
C GLY A 311 -22.06 19.29 -25.44
N ARG A 312 -22.42 18.06 -25.06
CA ARG A 312 -23.18 17.87 -23.81
C ARG A 312 -22.33 17.55 -22.58
N GLY A 313 -21.02 17.84 -22.66
CA GLY A 313 -20.11 17.59 -21.55
C GLY A 313 -20.28 18.61 -20.43
N CYS A 314 -19.98 18.21 -19.20
CA CYS A 314 -20.16 19.10 -18.04
C CYS A 314 -18.91 19.81 -17.58
N GLY A 315 -19.13 20.79 -16.70
CA GLY A 315 -18.04 21.57 -16.15
C GLY A 315 -17.78 22.80 -16.98
N PRO A 316 -16.94 23.72 -16.47
CA PRO A 316 -16.61 24.95 -17.18
C PRO A 316 -16.06 24.75 -18.61
N GLU A 317 -15.39 23.64 -18.86
CA GLU A 317 -14.84 23.37 -20.19
C GLU A 317 -15.62 22.32 -20.94
N LYS A 318 -16.78 21.94 -20.39
CA LYS A 318 -17.64 20.92 -20.98
C LYS A 318 -16.77 19.78 -21.55
N ASP A 319 -15.82 19.31 -20.75
CA ASP A 319 -14.91 18.24 -21.15
C ASP A 319 -15.01 16.93 -20.36
N HIS A 320 -16.02 16.82 -19.52
CA HIS A 320 -16.22 15.62 -18.73
C HIS A 320 -17.69 15.46 -18.45
N VAL A 321 -18.11 14.32 -17.88
CA VAL A 321 -19.51 14.11 -17.53
C VAL A 321 -19.63 13.72 -16.05
N TYR A 322 -20.86 13.55 -15.58
CA TYR A 322 -21.08 13.27 -14.16
C TYR A 322 -21.46 11.86 -13.76
N LEU A 323 -20.76 11.35 -12.74
CA LEU A 323 -21.12 10.04 -12.20
C LEU A 323 -21.97 10.40 -10.98
N GLN A 324 -23.24 10.07 -11.03
CA GLN A 324 -24.10 10.42 -9.91
C GLN A 324 -24.34 9.24 -9.02
N LEU A 325 -24.13 9.46 -7.72
CA LEU A 325 -24.32 8.39 -6.76
C LEU A 325 -25.24 8.82 -5.64
N HIS A 326 -25.44 10.13 -5.51
CA HIS A 326 -26.26 10.66 -4.42
C HIS A 326 -27.70 10.15 -4.29
N HIS A 327 -28.25 9.52 -5.31
CA HIS A 327 -29.60 9.01 -5.19
C HIS A 327 -29.63 7.73 -4.36
N LEU A 328 -28.44 7.16 -4.19
CA LEU A 328 -28.31 5.95 -3.43
C LEU A 328 -28.26 6.23 -1.93
N PRO A 329 -28.79 5.29 -1.13
CA PRO A 329 -28.80 5.44 0.33
C PRO A 329 -27.38 5.68 0.86
N PRO A 330 -27.23 6.57 1.86
CA PRO A 330 -25.89 6.81 2.39
C PRO A 330 -25.18 5.61 3.03
N GLN A 331 -25.91 4.72 3.69
CA GLN A 331 -25.26 3.58 4.31
C GLN A 331 -24.69 2.63 3.24
N GLN A 332 -25.32 2.59 2.07
CA GLN A 332 -24.86 1.75 0.98
C GLN A 332 -23.57 2.32 0.40
N LEU A 333 -23.52 3.64 0.27
CA LEU A 333 -22.30 4.24 -0.27
C LEU A 333 -21.18 3.96 0.72
N ALA A 334 -21.46 4.16 2.01
CA ALA A 334 -20.45 3.94 3.02
C ALA A 334 -19.99 2.49 3.12
N THR A 335 -20.92 1.56 2.92
CA THR A 335 -20.58 0.15 3.02
C THR A 335 -20.02 -0.45 1.75
N ARG A 336 -20.51 0.00 0.61
CA ARG A 336 -20.03 -0.61 -0.60
C ARG A 336 -18.99 0.22 -1.33
N LEU A 337 -18.99 1.54 -1.13
CA LEU A 337 -18.08 2.43 -1.84
C LEU A 337 -17.28 3.36 -0.93
N PRO A 338 -16.85 2.86 0.23
CA PRO A 338 -16.10 3.72 1.12
C PRO A 338 -14.83 4.31 0.45
N GLY A 339 -14.12 3.48 -0.29
CA GLY A 339 -12.91 3.95 -0.97
C GLY A 339 -13.08 5.14 -1.90
N ILE A 340 -13.95 5.02 -2.89
CA ILE A 340 -14.15 6.12 -3.81
C ILE A 340 -14.78 7.33 -3.16
N SER A 341 -15.59 7.12 -2.14
CA SER A 341 -16.20 8.24 -1.44
C SER A 341 -15.09 9.17 -0.95
N GLU A 342 -14.03 8.61 -0.36
CA GLU A 342 -12.93 9.41 0.17
C GLU A 342 -12.09 10.02 -0.97
N THR A 343 -11.83 9.21 -1.99
CA THR A 343 -11.07 9.64 -3.13
C THR A 343 -11.80 10.78 -3.83
N ALA A 344 -13.12 10.71 -3.84
CA ALA A 344 -13.89 11.76 -4.49
C ALA A 344 -13.62 13.05 -3.73
N MET A 345 -13.77 13.00 -2.42
CA MET A 345 -13.50 14.18 -1.62
C MET A 345 -12.05 14.69 -1.82
N ILE A 346 -11.05 13.85 -1.52
CA ILE A 346 -9.65 14.24 -1.68
C ILE A 346 -9.22 14.85 -3.03
N PHE A 347 -9.60 14.22 -4.13
CA PHE A 347 -9.19 14.71 -5.45
C PHE A 347 -10.23 15.47 -6.27
N ALA A 348 -11.42 15.69 -5.72
CA ALA A 348 -12.45 16.42 -6.45
C ALA A 348 -13.30 17.30 -5.54
N GLY A 349 -13.08 17.17 -4.23
CA GLY A 349 -13.83 17.93 -3.25
C GLY A 349 -15.30 17.56 -3.30
N VAL A 350 -15.58 16.38 -3.81
CA VAL A 350 -16.94 15.94 -3.95
C VAL A 350 -17.41 15.09 -2.80
N ASP A 351 -18.64 15.35 -2.34
CA ASP A 351 -19.27 14.54 -1.28
C ASP A 351 -20.31 13.73 -2.07
N VAL A 352 -19.95 12.51 -2.41
CA VAL A 352 -20.82 11.67 -3.23
C VAL A 352 -22.23 11.50 -2.69
N THR A 353 -22.50 11.92 -1.45
CA THR A 353 -23.86 11.81 -0.92
C THR A 353 -24.69 13.03 -1.32
N LYS A 354 -24.04 14.07 -1.85
CA LYS A 354 -24.72 15.30 -2.25
C LYS A 354 -24.56 15.69 -3.70
N GLU A 355 -23.34 15.52 -4.24
CA GLU A 355 -23.02 15.90 -5.60
C GLU A 355 -22.38 14.78 -6.42
N PRO A 356 -22.50 14.88 -7.74
CA PRO A 356 -21.95 13.94 -8.72
C PRO A 356 -20.43 14.06 -8.82
N ILE A 357 -19.78 12.98 -9.23
CA ILE A 357 -18.33 12.99 -9.37
C ILE A 357 -18.01 13.28 -10.82
N PRO A 358 -17.10 14.23 -11.06
CA PRO A 358 -16.76 14.50 -12.46
C PRO A 358 -15.80 13.42 -12.92
N VAL A 359 -16.18 12.76 -14.01
CA VAL A 359 -15.40 11.66 -14.59
C VAL A 359 -15.20 11.78 -16.10
N LEU A 360 -14.29 10.96 -16.64
CA LEU A 360 -13.98 10.96 -18.07
C LEU A 360 -13.22 9.66 -18.41
N PRO A 361 -13.49 9.09 -19.60
CA PRO A 361 -12.78 7.85 -19.95
C PRO A 361 -11.28 8.04 -19.78
N THR A 362 -10.63 7.09 -19.12
CA THR A 362 -9.20 7.16 -18.85
C THR A 362 -8.48 5.86 -19.10
N VAL A 363 -7.33 5.95 -19.77
CA VAL A 363 -6.51 4.78 -20.06
C VAL A 363 -6.35 4.05 -18.72
N HIS A 364 -6.64 2.76 -18.72
CA HIS A 364 -6.68 2.00 -17.47
C HIS A 364 -6.01 0.65 -17.43
N TYR A 365 -6.26 -0.15 -18.44
CA TYR A 365 -5.76 -1.52 -18.47
C TYR A 365 -5.21 -1.90 -19.83
N ASN A 366 -4.36 -2.92 -19.88
CA ASN A 366 -3.88 -3.35 -21.18
C ASN A 366 -4.37 -4.78 -21.51
N MET A 367 -5.18 -4.91 -22.54
CA MET A 367 -5.64 -6.24 -22.86
C MET A 367 -4.47 -6.94 -23.50
N GLY A 368 -3.73 -6.21 -24.33
CA GLY A 368 -2.61 -6.83 -24.98
C GLY A 368 -1.45 -7.14 -24.06
N GLY A 369 -0.56 -8.02 -24.49
CA GLY A 369 0.59 -8.32 -23.65
C GLY A 369 1.51 -9.31 -24.32
N ILE A 370 2.30 -9.99 -23.51
CA ILE A 370 3.21 -11.00 -24.02
C ILE A 370 2.27 -12.17 -24.27
N PRO A 371 2.22 -12.68 -25.52
CA PRO A 371 1.31 -13.80 -25.83
C PRO A 371 1.65 -15.15 -25.19
N THR A 372 0.69 -15.75 -24.50
CA THR A 372 0.95 -17.05 -23.89
C THR A 372 -0.15 -17.97 -24.35
N ASN A 373 -0.07 -19.23 -23.93
CA ASN A 373 -1.11 -20.19 -24.22
C ASN A 373 -1.90 -20.18 -22.90
N TYR A 374 -2.91 -21.03 -22.75
CA TYR A 374 -3.72 -20.94 -21.52
C TYR A 374 -3.02 -21.55 -20.31
N LYS A 375 -1.84 -22.10 -20.54
CA LYS A 375 -1.09 -22.68 -19.45
C LYS A 375 -0.16 -21.64 -18.88
N GLY A 376 -0.16 -20.45 -19.47
CA GLY A 376 0.74 -19.43 -18.96
C GLY A 376 2.08 -19.41 -19.65
N GLN A 377 2.26 -20.28 -20.65
CA GLN A 377 3.51 -20.33 -21.38
C GLN A 377 3.60 -19.32 -22.52
N VAL A 378 4.72 -18.61 -22.58
CA VAL A 378 4.92 -17.65 -23.64
C VAL A 378 5.12 -18.37 -24.98
N ILE A 379 4.41 -17.89 -26.00
CA ILE A 379 4.46 -18.46 -27.33
C ILE A 379 5.00 -17.54 -28.43
N THR A 380 5.69 -18.14 -29.37
CA THR A 380 6.20 -17.37 -30.47
C THR A 380 5.36 -17.94 -31.60
N HIS A 381 5.33 -17.22 -32.72
CA HIS A 381 4.55 -17.69 -33.85
C HIS A 381 5.36 -17.64 -35.15
N VAL A 382 5.87 -18.81 -35.54
CA VAL A 382 6.71 -18.97 -36.73
C VAL A 382 6.03 -19.79 -37.83
N ASN A 383 6.07 -19.28 -39.05
CA ASN A 383 5.51 -20.02 -40.16
C ASN A 383 4.12 -20.57 -39.85
N GLY A 384 3.28 -19.75 -39.23
CA GLY A 384 1.91 -20.16 -38.95
C GLY A 384 1.61 -21.05 -37.76
N GLU A 385 2.61 -21.40 -36.95
CA GLU A 385 2.33 -22.23 -35.79
C GLU A 385 2.79 -21.62 -34.43
N ASP A 386 2.00 -21.85 -33.38
CA ASP A 386 2.32 -21.34 -32.06
C ASP A 386 3.37 -22.29 -31.47
N LYS A 387 4.52 -21.74 -31.05
CA LYS A 387 5.54 -22.57 -30.39
C LYS A 387 5.80 -21.93 -29.02
N VAL A 388 5.78 -22.72 -27.95
CA VAL A 388 6.02 -22.14 -26.63
C VAL A 388 7.52 -21.94 -26.45
N VAL A 389 7.88 -20.77 -25.93
CA VAL A 389 9.28 -20.45 -25.66
C VAL A 389 9.64 -21.18 -24.38
N PRO A 390 10.53 -22.17 -24.44
CA PRO A 390 10.93 -22.93 -23.24
C PRO A 390 11.50 -22.11 -22.08
N GLY A 391 10.93 -22.29 -20.90
CA GLY A 391 11.42 -21.56 -19.74
C GLY A 391 10.91 -20.13 -19.55
N LEU A 392 9.88 -19.77 -20.28
CA LEU A 392 9.33 -18.42 -20.18
C LEU A 392 7.82 -18.50 -19.98
N TYR A 393 7.31 -17.76 -19.02
CA TYR A 393 5.86 -17.79 -18.80
C TYR A 393 5.54 -16.38 -18.52
N ALA A 394 4.26 -16.06 -18.53
CA ALA A 394 3.83 -14.71 -18.26
C ALA A 394 2.40 -14.80 -17.74
N CYS A 395 2.04 -13.90 -16.84
CA CYS A 395 0.69 -13.89 -16.29
C CYS A 395 0.39 -12.50 -15.85
N GLY A 396 -0.86 -12.26 -15.50
CA GLY A 396 -1.24 -10.93 -15.08
C GLY A 396 -1.45 -10.06 -16.28
N GLU A 397 -1.65 -8.77 -16.06
CA GLU A 397 -1.87 -7.83 -17.15
C GLU A 397 -0.71 -7.81 -18.13
N ALA A 398 0.46 -8.27 -17.69
CA ALA A 398 1.63 -8.26 -18.57
C ALA A 398 1.45 -9.27 -19.70
N ALA A 399 0.50 -10.18 -19.51
CA ALA A 399 0.27 -11.20 -20.53
C ALA A 399 -0.92 -10.91 -21.47
N SER A 400 -1.13 -11.87 -22.39
CA SER A 400 -2.21 -11.90 -23.37
C SER A 400 -2.43 -13.39 -23.57
N ALA A 401 -3.28 -13.97 -22.72
CA ALA A 401 -3.57 -15.39 -22.75
C ALA A 401 -4.37 -15.86 -24.00
N SER A 402 -5.15 -14.98 -24.61
CA SER A 402 -5.59 -13.71 -24.05
C SER A 402 -7.01 -13.99 -23.64
N VAL A 403 -7.36 -13.72 -22.40
CA VAL A 403 -8.71 -14.00 -21.93
C VAL A 403 -9.58 -12.76 -22.06
N HIS A 404 -8.96 -11.65 -22.43
CA HIS A 404 -9.69 -10.40 -22.55
C HIS A 404 -9.83 -9.91 -23.99
N GLY A 405 -9.04 -10.46 -24.90
CA GLY A 405 -9.12 -10.05 -26.30
C GLY A 405 -9.18 -8.54 -26.53
N ALA A 406 -10.23 -8.07 -27.19
CA ALA A 406 -10.36 -6.64 -27.52
C ALA A 406 -11.01 -5.80 -26.46
N ASN A 407 -11.50 -6.41 -25.39
CA ASN A 407 -12.09 -5.61 -24.34
C ASN A 407 -12.31 -6.44 -23.10
N ARG A 408 -11.79 -5.94 -21.97
CA ARG A 408 -11.90 -6.68 -20.73
C ARG A 408 -13.14 -6.35 -19.94
N LEU A 409 -13.80 -7.39 -19.44
CA LEU A 409 -14.96 -7.18 -18.57
C LEU A 409 -14.38 -6.84 -17.21
N GLY A 410 -14.91 -5.78 -16.59
CA GLY A 410 -14.40 -5.39 -15.28
C GLY A 410 -14.43 -6.54 -14.30
N ALA A 411 -13.41 -6.62 -13.45
CA ALA A 411 -13.32 -7.65 -12.46
C ALA A 411 -12.78 -8.93 -13.03
N ASN A 412 -12.37 -8.92 -14.28
CA ASN A 412 -11.82 -10.12 -14.88
C ASN A 412 -10.30 -10.20 -14.80
N SER A 413 -9.65 -9.08 -14.45
CA SER A 413 -8.19 -9.07 -14.34
C SER A 413 -7.73 -9.68 -13.03
N LEU A 414 -8.29 -9.21 -11.93
CA LEU A 414 -7.96 -9.74 -10.64
C LEU A 414 -8.16 -11.24 -10.66
N LEU A 415 -9.14 -11.68 -11.45
CA LEU A 415 -9.38 -13.12 -11.60
C LEU A 415 -8.18 -13.72 -12.31
N ASP A 416 -7.91 -13.12 -13.47
CA ASP A 416 -6.83 -13.47 -14.38
C ASP A 416 -5.55 -13.66 -13.61
N LEU A 417 -5.19 -12.62 -12.87
CA LEU A 417 -3.97 -12.64 -12.06
C LEU A 417 -3.76 -13.89 -11.27
N VAL A 418 -4.74 -14.26 -10.43
CA VAL A 418 -4.60 -15.45 -9.60
C VAL A 418 -4.75 -16.78 -10.31
N VAL A 419 -5.57 -16.81 -11.36
CA VAL A 419 -5.72 -18.04 -12.09
C VAL A 419 -4.49 -18.39 -12.86
N PHE A 420 -4.03 -17.46 -13.70
CA PHE A 420 -2.84 -17.77 -14.51
C PHE A 420 -1.52 -17.75 -13.74
N GLY A 421 -1.49 -16.95 -12.68
CA GLY A 421 -0.31 -16.96 -11.86
C GLY A 421 -0.21 -18.39 -11.28
N ARG A 422 -1.34 -18.99 -10.87
CA ARG A 422 -1.29 -20.36 -10.32
C ARG A 422 -1.07 -21.31 -11.49
N ALA A 423 -1.75 -21.07 -12.59
CA ALA A 423 -1.54 -21.93 -13.73
C ALA A 423 -0.02 -22.01 -13.95
N CYS A 424 0.64 -20.87 -14.11
CA CYS A 424 2.10 -20.88 -14.35
C CYS A 424 2.82 -21.83 -13.41
N ALA A 425 2.39 -21.82 -12.16
CA ALA A 425 3.02 -22.66 -11.18
C ALA A 425 2.69 -24.11 -11.46
N LEU A 426 1.40 -24.42 -11.57
CA LEU A 426 1.00 -25.81 -11.83
C LEU A 426 1.73 -26.37 -13.05
N THR A 427 1.79 -25.56 -14.10
CA THR A 427 2.44 -25.97 -15.32
C THR A 427 3.94 -26.28 -15.18
N ILE A 428 4.71 -25.33 -14.65
CA ILE A 428 6.13 -25.59 -14.46
C ILE A 428 6.23 -26.91 -13.68
N ALA A 429 5.40 -27.07 -12.66
CA ALA A 429 5.41 -28.28 -11.84
C ALA A 429 5.19 -29.59 -12.62
N GLU A 430 4.15 -29.65 -13.42
CA GLU A 430 3.92 -30.88 -14.16
C GLU A 430 5.00 -31.08 -15.22
N THR A 431 5.61 -29.98 -15.66
CA THR A 431 6.65 -30.05 -16.69
C THR A 431 8.06 -30.29 -16.19
N CYS A 432 8.41 -29.72 -15.06
CA CYS A 432 9.75 -29.86 -14.54
C CYS A 432 9.85 -30.50 -13.15
N LYS A 433 11.07 -30.60 -12.67
CA LYS A 433 11.27 -31.16 -11.37
C LYS A 433 12.19 -30.23 -10.58
N PRO A 434 11.91 -30.05 -9.30
CA PRO A 434 12.80 -29.15 -8.58
C PRO A 434 14.23 -29.68 -8.60
N GLY A 435 15.21 -28.78 -8.59
CA GLY A 435 16.60 -29.19 -8.56
C GLY A 435 17.23 -29.51 -9.90
N GLU A 436 16.41 -29.85 -10.88
CA GLU A 436 16.95 -30.15 -12.19
C GLU A 436 18.06 -29.15 -12.43
N PRO A 437 19.15 -29.61 -13.02
CA PRO A 437 20.32 -28.77 -13.33
C PRO A 437 19.99 -27.47 -14.06
N VAL A 438 20.29 -26.36 -13.40
CA VAL A 438 20.05 -25.05 -13.98
C VAL A 438 20.91 -24.87 -15.20
N PRO A 439 20.33 -24.28 -16.25
CA PRO A 439 21.06 -24.05 -17.50
C PRO A 439 22.13 -22.98 -17.35
N SER A 440 23.29 -23.24 -17.94
CA SER A 440 24.43 -22.32 -17.93
C SER A 440 24.12 -21.07 -18.78
N ILE A 441 24.97 -20.04 -18.66
CA ILE A 441 24.81 -18.81 -19.43
C ILE A 441 26.21 -18.34 -19.77
N LYS A 442 26.39 -17.85 -20.99
CA LYS A 442 27.73 -17.40 -21.39
C LYS A 442 28.26 -16.33 -20.43
N PRO A 443 29.54 -16.45 -20.04
CA PRO A 443 30.22 -15.51 -19.14
C PRO A 443 29.90 -14.02 -19.30
N ASN A 444 29.48 -13.61 -20.48
CA ASN A 444 29.18 -12.20 -20.69
C ASN A 444 27.71 -11.99 -21.00
N ALA A 445 26.87 -12.97 -20.63
CA ALA A 445 25.45 -12.83 -20.87
C ALA A 445 24.92 -11.65 -20.06
N GLY A 446 24.22 -10.75 -20.75
CA GLY A 446 23.64 -9.58 -20.10
C GLY A 446 24.48 -8.32 -20.26
N GLU A 447 25.72 -8.52 -20.69
CA GLU A 447 26.66 -7.41 -20.88
C GLU A 447 26.07 -6.23 -21.62
N GLU A 448 25.08 -6.49 -22.46
CA GLU A 448 24.47 -5.41 -23.20
C GLU A 448 23.48 -4.60 -22.35
N SER A 449 22.94 -5.21 -21.31
CA SER A 449 22.00 -4.50 -20.44
C SER A 449 22.80 -3.50 -19.63
N VAL A 450 23.95 -3.94 -19.15
CA VAL A 450 24.82 -3.07 -18.37
C VAL A 450 25.23 -1.92 -19.27
N ALA A 451 25.60 -2.26 -20.50
CA ALA A 451 26.00 -1.24 -21.46
C ALA A 451 24.94 -0.17 -21.48
N ASN A 452 23.74 -0.55 -21.89
CA ASN A 452 22.64 0.39 -21.98
C ASN A 452 22.48 1.13 -20.65
N LEU A 453 22.54 0.39 -19.54
CA LEU A 453 22.38 1.01 -18.24
C LEU A 453 23.42 2.10 -18.04
N ASP A 454 24.71 1.76 -18.21
CA ASP A 454 25.79 2.73 -18.05
C ASP A 454 25.70 3.88 -19.05
N LYS A 455 25.21 3.60 -20.24
CA LYS A 455 25.06 4.65 -21.22
C LYS A 455 24.07 5.73 -20.73
N LEU A 456 22.91 5.33 -20.20
CA LEU A 456 21.92 6.30 -19.70
C LEU A 456 22.37 7.04 -18.43
N ARG A 457 23.07 6.32 -17.57
CA ARG A 457 23.57 6.87 -16.33
C ARG A 457 24.42 8.12 -16.56
N PHE A 458 25.03 8.19 -17.73
CA PHE A 458 25.91 9.34 -18.05
C PHE A 458 25.44 10.22 -19.20
N ALA A 459 24.29 9.90 -19.76
CA ALA A 459 23.70 10.68 -20.84
C ALA A 459 23.75 12.18 -20.59
N ASP A 460 24.30 12.94 -21.56
CA ASP A 460 24.38 14.39 -21.44
C ASP A 460 23.93 15.05 -22.74
N GLY A 461 22.79 14.60 -23.27
CA GLY A 461 22.26 15.16 -24.49
C GLY A 461 21.49 16.45 -24.26
N THR A 462 20.52 16.69 -25.12
CA THR A 462 19.71 17.89 -25.06
C THR A 462 18.25 17.67 -24.60
N ILE A 463 17.82 16.40 -24.53
CA ILE A 463 16.44 16.14 -24.11
C ILE A 463 16.31 15.33 -22.84
N ARG A 464 15.86 15.98 -21.77
CA ARG A 464 15.71 15.24 -20.52
C ARG A 464 14.48 14.32 -20.50
N THR A 465 14.69 13.17 -19.88
CA THR A 465 13.72 12.11 -19.69
C THR A 465 12.32 12.64 -19.53
N SER A 466 12.09 13.41 -18.48
CA SER A 466 10.75 13.91 -18.28
C SER A 466 10.25 14.58 -19.55
N GLU A 467 11.15 15.18 -20.33
CA GLU A 467 10.74 15.87 -21.55
C GLU A 467 10.34 14.90 -22.64
N ALA A 468 11.15 13.86 -22.81
CA ALA A 468 10.88 12.82 -23.81
C ALA A 468 9.59 12.15 -23.46
N ARG A 469 9.54 11.59 -22.25
CA ARG A 469 8.37 10.90 -21.76
C ARG A 469 7.11 11.69 -22.04
N LEU A 470 7.07 12.92 -21.58
CA LEU A 470 5.88 13.72 -21.79
C LEU A 470 5.56 13.80 -23.27
N ASN A 471 6.59 13.89 -24.11
CA ASN A 471 6.36 13.93 -25.55
C ASN A 471 5.61 12.67 -25.97
N MET A 472 6.04 11.52 -25.47
CA MET A 472 5.40 10.24 -25.77
C MET A 472 3.98 10.19 -25.25
N GLN A 473 3.78 10.64 -24.02
CA GLN A 473 2.44 10.59 -23.42
C GLN A 473 1.46 11.47 -24.15
N LYS A 474 1.87 12.69 -24.47
CA LYS A 474 0.99 13.58 -25.19
C LYS A 474 0.70 13.06 -26.61
N THR A 475 1.67 12.41 -27.24
CA THR A 475 1.45 11.88 -28.58
C THR A 475 0.43 10.74 -28.55
N MET A 476 0.61 9.81 -27.63
CA MET A 476 -0.32 8.70 -27.51
C MET A 476 -1.69 9.21 -27.14
N GLN A 477 -1.73 10.24 -26.30
CA GLN A 477 -3.02 10.80 -25.86
C GLN A 477 -3.89 11.41 -26.94
N SER A 478 -3.30 12.05 -27.92
CA SER A 478 -4.14 12.64 -28.95
C SER A 478 -4.12 11.89 -30.27
N HIS A 479 -3.27 10.88 -30.39
CA HIS A 479 -3.24 10.10 -31.62
C HIS A 479 -3.79 8.68 -31.47
N ALA A 480 -4.06 8.25 -30.25
CA ALA A 480 -4.53 6.89 -30.03
C ALA A 480 -5.52 6.78 -28.89
N ALA A 481 -6.60 7.55 -28.98
CA ALA A 481 -7.63 7.58 -27.93
C ALA A 481 -8.83 6.69 -28.20
N VAL A 482 -9.98 7.09 -27.67
CA VAL A 482 -11.20 6.29 -27.79
C VAL A 482 -11.45 6.11 -29.27
N PHE A 483 -11.71 7.21 -29.97
CA PHE A 483 -11.89 7.13 -31.42
C PHE A 483 -10.54 7.39 -32.12
N ARG A 484 -10.28 6.60 -33.16
CA ARG A 484 -9.04 6.71 -33.91
C ARG A 484 -9.30 6.80 -35.42
N THR A 485 -8.30 7.29 -36.18
CA THR A 485 -8.35 7.46 -37.64
C THR A 485 -6.97 7.36 -38.27
N GLY A 486 -6.91 6.74 -39.45
CA GLY A 486 -5.66 6.53 -40.16
C GLY A 486 -4.69 7.70 -40.30
N SER A 487 -5.19 8.89 -40.64
CA SER A 487 -4.30 10.03 -40.79
C SER A 487 -3.69 10.36 -39.41
N ILE A 488 -4.54 10.51 -38.41
CA ILE A 488 -4.14 10.82 -37.05
C ILE A 488 -3.23 9.73 -36.48
N LEU A 489 -3.57 8.47 -36.71
CA LEU A 489 -2.73 7.39 -36.22
C LEU A 489 -1.39 7.43 -36.94
N GLN A 490 -1.42 7.75 -38.24
CA GLN A 490 -0.22 7.83 -39.06
C GLN A 490 0.67 8.97 -38.59
N GLU A 491 0.05 10.06 -38.18
CA GLU A 491 0.82 11.17 -37.67
C GLU A 491 1.50 10.68 -36.38
N GLY A 492 0.71 10.14 -35.45
CA GLY A 492 1.23 9.64 -34.19
C GLY A 492 2.38 8.68 -34.39
N CYS A 493 2.23 7.76 -35.33
CA CYS A 493 3.30 6.81 -35.58
C CYS A 493 4.61 7.48 -35.93
N GLU A 494 4.55 8.57 -36.67
CA GLU A 494 5.78 9.23 -37.01
C GLU A 494 6.31 10.03 -35.85
N LYS A 495 5.49 10.91 -35.28
CA LYS A 495 5.92 11.71 -34.13
C LYS A 495 6.60 10.74 -33.18
N LEU A 496 5.91 9.64 -32.91
CA LEU A 496 6.41 8.63 -32.01
C LEU A 496 7.77 8.12 -32.39
N SER A 497 7.94 7.80 -33.67
CA SER A 497 9.23 7.25 -34.14
C SER A 497 10.33 8.31 -34.10
N GLN A 498 9.90 9.57 -34.12
CA GLN A 498 10.82 10.69 -34.05
C GLN A 498 11.35 10.68 -32.61
N ILE A 499 10.41 10.73 -31.67
CA ILE A 499 10.71 10.74 -30.25
C ILE A 499 11.64 9.56 -29.92
N TYR A 500 11.31 8.39 -30.46
CA TYR A 500 12.13 7.22 -30.19
C TYR A 500 13.55 7.41 -30.75
N ARG A 501 13.67 7.99 -31.94
CA ARG A 501 14.98 8.20 -32.51
C ARG A 501 15.68 9.23 -31.65
N ASP A 502 14.94 10.26 -31.22
CA ASP A 502 15.49 11.31 -30.40
C ASP A 502 16.05 10.92 -29.02
N LEU A 503 15.85 9.66 -28.64
CA LEU A 503 16.34 9.18 -27.36
C LEU A 503 17.86 9.19 -27.33
N ALA A 504 18.49 9.32 -28.48
CA ALA A 504 19.94 9.36 -28.51
C ALA A 504 20.39 10.75 -28.03
N HIS A 505 19.43 11.66 -27.88
CA HIS A 505 19.67 13.02 -27.42
C HIS A 505 19.26 13.17 -25.97
N LEU A 506 19.19 12.05 -25.26
CA LEU A 506 18.78 12.08 -23.86
C LEU A 506 19.80 12.61 -22.86
N LYS A 507 19.30 13.35 -21.87
CA LYS A 507 20.15 13.85 -20.80
C LYS A 507 19.61 13.47 -19.41
N THR A 508 20.45 12.76 -18.65
CA THR A 508 20.16 12.38 -17.27
C THR A 508 21.13 13.27 -16.46
N PHE A 509 20.92 13.41 -15.15
CA PHE A 509 21.82 14.22 -14.33
C PHE A 509 22.37 13.46 -13.15
N ASP A 510 21.56 12.60 -12.55
CA ASP A 510 22.06 11.88 -11.41
C ASP A 510 23.09 10.91 -11.94
N ARG A 511 24.28 10.91 -11.35
CA ARG A 511 25.34 10.05 -11.83
C ARG A 511 25.70 8.92 -10.91
N GLY A 512 24.95 8.76 -9.83
CA GLY A 512 25.24 7.68 -8.91
C GLY A 512 24.54 6.41 -9.40
N ILE A 513 24.62 5.36 -8.61
CA ILE A 513 23.97 4.13 -9.01
C ILE A 513 23.00 3.62 -7.94
N VAL A 514 23.15 4.10 -6.72
CA VAL A 514 22.27 3.71 -5.63
C VAL A 514 21.03 4.57 -5.67
N TRP A 515 19.90 3.90 -5.74
CA TRP A 515 18.64 4.58 -5.78
C TRP A 515 18.66 5.75 -6.73
N ASN A 516 19.20 5.53 -7.93
CA ASN A 516 19.20 6.55 -8.98
C ASN A 516 17.89 6.39 -9.73
N THR A 517 16.86 7.10 -9.31
CA THR A 517 15.60 6.94 -9.99
C THR A 517 15.57 7.81 -11.23
N ASP A 518 16.64 8.57 -11.43
CA ASP A 518 16.74 9.42 -12.62
C ASP A 518 16.98 8.42 -13.76
N LEU A 519 17.90 7.51 -13.47
CA LEU A 519 18.31 6.45 -14.35
C LEU A 519 17.20 5.40 -14.50
N VAL A 520 16.62 4.94 -13.36
CA VAL A 520 15.54 3.95 -13.40
C VAL A 520 14.39 4.41 -14.29
N GLU A 521 13.98 5.64 -14.14
CA GLU A 521 12.88 6.19 -14.94
C GLU A 521 13.23 6.41 -16.42
N THR A 522 14.53 6.39 -16.73
CA THR A 522 14.96 6.55 -18.09
C THR A 522 14.88 5.16 -18.70
N LEU A 523 15.29 4.14 -17.94
CA LEU A 523 15.14 2.77 -18.39
C LEU A 523 13.64 2.51 -18.63
N GLU A 524 12.79 3.09 -17.79
CA GLU A 524 11.36 2.88 -17.95
C GLU A 524 10.84 3.61 -19.18
N LEU A 525 11.55 4.65 -19.61
CA LEU A 525 11.17 5.40 -20.81
C LEU A 525 11.48 4.54 -22.03
N GLN A 526 12.63 3.86 -22.00
CA GLN A 526 13.00 2.99 -23.10
C GLN A 526 11.93 1.95 -23.13
N ASN A 527 11.66 1.38 -21.96
CA ASN A 527 10.63 0.36 -21.86
C ASN A 527 9.30 0.88 -22.36
N LEU A 528 8.86 2.02 -21.87
CA LEU A 528 7.57 2.59 -22.28
C LEU A 528 7.43 2.81 -23.78
N MET A 529 8.46 3.40 -24.38
CA MET A 529 8.47 3.66 -25.82
C MET A 529 8.36 2.36 -26.64
N LEU A 530 9.03 1.31 -26.19
CA LEU A 530 8.91 0.07 -26.92
C LEU A 530 7.47 -0.32 -26.98
N CYS A 531 6.72 -0.06 -25.90
CA CYS A 531 5.30 -0.42 -25.86
C CYS A 531 4.41 0.51 -26.64
N ALA A 532 4.64 1.81 -26.50
CA ALA A 532 3.80 2.77 -27.20
C ALA A 532 3.88 2.60 -28.72
N LEU A 533 5.10 2.35 -29.22
CA LEU A 533 5.35 2.19 -30.66
C LEU A 533 4.46 1.07 -31.17
N GLN A 534 4.67 -0.12 -30.60
CA GLN A 534 3.90 -1.30 -30.97
C GLN A 534 2.40 -1.02 -30.86
N THR A 535 2.02 -0.16 -29.91
CA THR A 535 0.60 0.12 -29.72
C THR A 535 -0.05 0.99 -30.80
N ILE A 536 0.66 2.03 -31.20
CA ILE A 536 0.09 2.94 -32.17
C ILE A 536 0.25 2.42 -33.61
N TYR A 537 1.28 1.61 -33.84
CA TYR A 537 1.51 1.04 -35.17
C TYR A 537 0.54 -0.08 -35.42
N GLY A 538 0.31 -0.89 -34.39
CA GLY A 538 -0.66 -1.98 -34.48
C GLY A 538 -2.01 -1.35 -34.68
N ALA A 539 -2.24 -0.20 -34.06
CA ALA A 539 -3.53 0.47 -34.18
C ALA A 539 -3.77 0.94 -35.60
N GLU A 540 -2.74 1.55 -36.19
CA GLU A 540 -2.78 2.09 -37.56
C GLU A 540 -3.05 0.99 -38.58
N ALA A 541 -2.38 -0.14 -38.42
CA ALA A 541 -2.56 -1.30 -39.31
C ALA A 541 -3.95 -1.99 -39.16
N ARG A 542 -4.52 -1.99 -37.96
CA ARG A 542 -5.83 -2.61 -37.75
C ARG A 542 -7.00 -1.77 -38.25
N LYS A 543 -7.29 -1.94 -39.53
CA LYS A 543 -8.37 -1.23 -40.21
C LYS A 543 -9.70 -1.94 -40.03
N GLU A 544 -10.25 -1.81 -38.83
CA GLU A 544 -11.54 -2.38 -38.45
C GLU A 544 -11.85 -1.84 -37.06
N SER A 545 -13.11 -1.92 -36.65
CA SER A 545 -13.48 -1.46 -35.31
C SER A 545 -13.82 -2.69 -34.45
N ARG A 546 -13.04 -2.94 -33.39
CA ARG A 546 -13.29 -4.08 -32.53
C ARG A 546 -13.00 -3.78 -31.05
N GLY A 547 -14.04 -3.87 -30.22
CA GLY A 547 -13.89 -3.62 -28.80
C GLY A 547 -13.39 -2.22 -28.49
N ALA A 548 -12.23 -2.12 -27.86
CA ALA A 548 -11.69 -0.81 -27.51
C ALA A 548 -11.11 -0.03 -28.67
N HIS A 549 -10.73 -0.74 -29.74
CA HIS A 549 -10.15 -0.12 -30.93
C HIS A 549 -11.27 0.31 -31.87
N ALA A 550 -11.56 1.61 -31.87
CA ALA A 550 -12.62 2.16 -32.72
C ALA A 550 -12.06 3.08 -33.78
N ARG A 551 -12.04 2.61 -35.02
CA ARG A 551 -11.56 3.41 -36.16
C ARG A 551 -12.80 4.06 -36.78
N GLU A 552 -12.82 5.38 -36.86
CA GLU A 552 -13.98 6.03 -37.45
C GLU A 552 -13.95 5.87 -38.95
N ASP A 553 -12.77 5.51 -39.46
CA ASP A 553 -12.60 5.29 -40.90
C ASP A 553 -12.77 3.83 -41.31
N TYR A 554 -13.08 2.99 -40.33
CA TYR A 554 -13.33 1.57 -40.53
C TYR A 554 -14.24 1.20 -39.34
N LYS A 555 -15.49 1.67 -39.40
CA LYS A 555 -16.46 1.46 -38.33
C LYS A 555 -17.08 0.07 -38.07
N LEU A 556 -16.75 -0.92 -38.88
CA LEU A 556 -17.30 -2.25 -38.73
C LEU A 556 -16.28 -3.25 -38.24
N ARG A 557 -16.74 -4.36 -37.65
CA ARG A 557 -15.82 -5.39 -37.16
C ARG A 557 -15.67 -6.35 -38.32
N ILE A 558 -14.44 -6.74 -38.67
CA ILE A 558 -14.28 -7.63 -39.80
C ILE A 558 -13.80 -9.04 -39.50
N ASP A 559 -14.73 -10.00 -39.52
CA ASP A 559 -14.39 -11.40 -39.25
C ASP A 559 -14.22 -12.22 -40.53
N GLU A 560 -14.01 -13.52 -40.36
CA GLU A 560 -13.82 -14.42 -41.49
C GLU A 560 -15.12 -14.64 -42.26
N PHE A 561 -16.24 -14.31 -41.64
CA PHE A 561 -17.55 -14.41 -42.28
C PHE A 561 -18.21 -13.15 -41.82
N ASP A 562 -19.23 -12.71 -42.51
CA ASP A 562 -19.97 -11.57 -41.99
C ASP A 562 -20.97 -12.29 -41.09
N TYR A 563 -20.74 -12.29 -39.77
CA TYR A 563 -21.67 -13.01 -38.90
C TYR A 563 -23.00 -12.36 -38.61
N SER A 564 -23.31 -11.27 -39.29
CA SER A 564 -24.59 -10.60 -39.11
C SER A 564 -25.68 -11.26 -40.00
N LYS A 565 -25.23 -12.09 -40.94
CA LYS A 565 -26.11 -12.82 -41.88
C LYS A 565 -25.79 -14.33 -41.86
N PRO A 566 -26.72 -15.18 -42.33
CA PRO A 566 -26.49 -16.62 -42.35
C PRO A 566 -25.19 -17.01 -43.08
N LEU A 567 -24.39 -17.87 -42.47
CA LEU A 567 -23.14 -18.25 -43.09
C LEU A 567 -23.40 -19.11 -44.32
N GLN A 568 -24.63 -19.59 -44.42
CA GLN A 568 -25.07 -20.43 -45.53
C GLN A 568 -24.69 -19.84 -46.90
N GLY A 569 -23.63 -20.42 -47.46
CA GLY A 569 -23.16 -19.98 -48.77
C GLY A 569 -22.45 -18.65 -48.73
N GLN A 570 -21.50 -18.53 -47.80
CA GLN A 570 -20.73 -17.31 -47.68
C GLN A 570 -19.30 -17.69 -47.97
N GLN A 571 -18.62 -16.87 -48.76
CA GLN A 571 -17.23 -17.17 -49.03
C GLN A 571 -16.46 -16.68 -47.81
N LYS A 572 -15.97 -17.64 -47.02
CA LYS A 572 -15.19 -17.35 -45.83
C LYS A 572 -14.05 -16.45 -46.31
N ARG A 573 -13.81 -15.34 -45.60
CA ARG A 573 -12.73 -14.45 -46.03
C ARG A 573 -11.40 -15.06 -45.68
N PRO A 574 -10.36 -14.78 -46.47
CA PRO A 574 -9.05 -15.34 -46.18
C PRO A 574 -8.49 -14.70 -44.90
N PHE A 575 -7.52 -15.37 -44.30
CA PHE A 575 -6.92 -14.87 -43.10
C PHE A 575 -6.46 -13.46 -43.34
N GLU A 576 -5.72 -13.29 -44.43
CA GLU A 576 -5.14 -12.00 -44.84
C GLU A 576 -6.14 -10.91 -45.21
N GLU A 577 -7.42 -11.21 -45.27
CA GLU A 577 -8.38 -10.18 -45.65
C GLU A 577 -9.46 -9.80 -44.64
N HIS A 578 -9.30 -10.25 -43.39
CA HIS A 578 -10.24 -9.88 -42.35
C HIS A 578 -9.38 -9.67 -41.13
N TRP A 579 -9.94 -9.01 -40.11
CA TRP A 579 -9.17 -8.69 -38.93
C TRP A 579 -9.29 -9.52 -37.66
N ARG A 580 -10.14 -10.55 -37.63
CA ARG A 580 -10.29 -11.37 -36.43
C ARG A 580 -9.03 -12.22 -36.22
N LYS A 581 -8.00 -11.57 -35.72
CA LYS A 581 -6.71 -12.18 -35.49
C LYS A 581 -5.93 -11.29 -34.53
N HIS A 582 -4.99 -11.91 -33.83
CA HIS A 582 -4.17 -11.18 -32.88
C HIS A 582 -3.01 -10.49 -33.58
N THR A 583 -2.73 -9.26 -33.18
CA THR A 583 -1.60 -8.54 -33.75
C THR A 583 -0.36 -9.01 -33.00
N LEU A 584 0.72 -9.26 -33.73
CA LEU A 584 1.99 -9.65 -33.14
C LEU A 584 2.99 -8.55 -33.57
N SER A 585 3.47 -7.77 -32.63
CA SER A 585 4.41 -6.73 -32.95
C SER A 585 5.85 -7.09 -32.61
N TYR A 586 6.77 -6.54 -33.38
CA TYR A 586 8.19 -6.73 -33.15
C TYR A 586 8.79 -5.37 -33.34
N VAL A 587 9.95 -5.14 -32.72
CA VAL A 587 10.59 -3.84 -32.88
C VAL A 587 12.09 -4.04 -32.97
N ASP A 588 12.72 -3.37 -33.93
CA ASP A 588 14.18 -3.39 -34.10
C ASP A 588 14.56 -2.37 -33.05
N VAL A 589 15.15 -2.85 -31.97
CA VAL A 589 15.50 -1.96 -30.90
C VAL A 589 16.31 -0.80 -31.47
N LYS A 590 17.43 -1.11 -32.12
CA LYS A 590 18.28 -0.09 -32.73
C LYS A 590 17.54 1.04 -33.46
N SER A 591 16.74 0.72 -34.46
CA SER A 591 16.00 1.73 -35.23
C SER A 591 14.66 2.21 -34.67
N GLY A 592 13.90 1.28 -34.12
CA GLY A 592 12.59 1.64 -33.59
C GLY A 592 11.57 1.35 -34.68
N LYS A 593 11.92 0.41 -35.55
CA LYS A 593 11.05 0.00 -36.65
C LYS A 593 10.11 -1.09 -36.15
N VAL A 594 8.81 -0.89 -36.33
CA VAL A 594 7.83 -1.86 -35.87
C VAL A 594 7.44 -2.82 -36.96
N THR A 595 7.44 -4.11 -36.63
CA THR A 595 7.08 -5.17 -37.57
C THR A 595 5.86 -5.97 -37.04
N LEU A 596 4.86 -6.14 -37.89
CA LEU A 596 3.65 -6.88 -37.51
C LEU A 596 3.45 -8.18 -38.29
N LYS A 597 2.72 -9.09 -37.66
CA LYS A 597 2.34 -10.39 -38.19
C LYS A 597 1.04 -10.73 -37.46
N TYR A 598 0.34 -11.78 -37.87
CA TYR A 598 -0.88 -12.11 -37.19
C TYR A 598 -0.98 -13.58 -36.93
N ARG A 599 -1.69 -13.92 -35.87
CA ARG A 599 -1.91 -15.30 -35.59
C ARG A 599 -3.38 -15.46 -35.36
N PRO A 600 -3.90 -16.66 -35.64
CA PRO A 600 -5.32 -16.98 -35.48
C PRO A 600 -5.75 -16.86 -34.03
N VAL A 601 -7.04 -16.59 -33.82
CA VAL A 601 -7.63 -16.48 -32.50
C VAL A 601 -8.10 -17.88 -32.07
N ILE A 602 -7.68 -18.39 -30.92
CA ILE A 602 -8.15 -19.73 -30.54
C ILE A 602 -9.63 -19.81 -30.15
N ASP A 603 -10.47 -20.41 -30.99
CA ASP A 603 -11.90 -20.53 -30.66
C ASP A 603 -12.33 -21.82 -29.96
N ARG A 604 -11.51 -22.86 -29.98
CA ARG A 604 -11.97 -24.05 -29.30
C ARG A 604 -11.81 -23.85 -27.80
N THR A 605 -12.67 -24.49 -27.02
CA THR A 605 -12.61 -24.44 -25.58
C THR A 605 -11.77 -25.65 -25.14
N LEU A 606 -11.76 -25.95 -23.86
CA LEU A 606 -10.99 -27.09 -23.41
C LEU A 606 -11.83 -28.38 -23.49
N ASN A 607 -13.11 -28.24 -23.80
CA ASN A 607 -13.94 -29.42 -23.84
C ASN A 607 -15.28 -28.89 -24.37
N GLU A 608 -15.58 -29.17 -25.64
CA GLU A 608 -16.81 -28.68 -26.22
C GLU A 608 -18.03 -29.22 -25.51
N GLU A 609 -17.94 -30.45 -25.00
CA GLU A 609 -19.10 -30.99 -24.28
C GLU A 609 -19.38 -30.22 -23.01
N ASP A 610 -18.33 -29.80 -22.31
CA ASP A 610 -18.51 -29.06 -21.07
C ASP A 610 -18.79 -27.58 -21.26
N CYS A 611 -18.22 -27.00 -22.28
CA CYS A 611 -18.44 -25.57 -22.53
C CYS A 611 -18.34 -25.43 -24.02
N SER A 612 -19.43 -24.98 -24.65
CA SER A 612 -19.49 -24.84 -26.11
C SER A 612 -18.78 -23.60 -26.58
N SER A 613 -18.02 -23.75 -27.67
CA SER A 613 -17.33 -22.64 -28.24
C SER A 613 -18.47 -21.74 -28.63
N VAL A 614 -18.25 -20.44 -28.57
CA VAL A 614 -19.27 -19.48 -28.91
C VAL A 614 -18.81 -18.70 -30.11
N PRO A 615 -19.57 -18.79 -31.19
CA PRO A 615 -19.30 -18.14 -32.46
C PRO A 615 -19.49 -16.64 -32.44
N PRO A 616 -18.66 -15.91 -33.23
CA PRO A 616 -18.74 -14.46 -33.31
C PRO A 616 -20.19 -14.14 -33.53
N ALA A 617 -20.59 -12.90 -33.29
CA ALA A 617 -21.97 -12.49 -33.47
C ALA A 617 -21.95 -11.00 -33.32
N ILE A 618 -23.10 -10.37 -33.47
CA ILE A 618 -23.23 -8.94 -33.31
C ILE A 618 -23.02 -8.69 -31.83
N ARG A 619 -22.33 -7.62 -31.50
CA ARG A 619 -22.04 -7.33 -30.11
C ARG A 619 -22.66 -6.05 -29.62
N SER A 620 -23.84 -6.15 -29.03
CA SER A 620 -24.46 -4.96 -28.52
C SER A 620 -24.98 -5.18 -27.12
N TYR A 621 -25.01 -4.08 -26.38
CA TYR A 621 -25.49 -4.05 -25.01
C TYR A 621 -26.63 -3.04 -24.96
N ALA B 6 -0.41 30.04 -16.25
CA ALA B 6 0.00 30.94 -17.37
C ALA B 6 0.91 32.07 -16.88
N ALA B 7 0.39 33.31 -16.90
CA ALA B 7 1.13 34.50 -16.44
C ALA B 7 0.48 34.98 -15.14
N THR B 8 1.29 35.00 -14.07
CA THR B 8 0.91 35.38 -12.69
C THR B 8 1.17 34.15 -11.86
N SER B 9 2.40 34.04 -11.39
CA SER B 9 2.80 32.89 -10.59
C SER B 9 2.45 33.04 -9.11
N ARG B 10 2.78 31.98 -8.37
CA ARG B 10 2.58 31.87 -6.92
C ARG B 10 3.69 30.90 -6.50
N ILE B 11 4.89 31.46 -6.33
CA ILE B 11 6.06 30.67 -6.01
C ILE B 11 6.18 30.22 -4.58
N LYS B 12 6.11 28.89 -4.40
CA LYS B 12 6.21 28.25 -3.11
C LYS B 12 7.59 27.64 -2.92
N LYS B 13 8.15 27.76 -1.72
CA LYS B 13 9.45 27.19 -1.43
C LYS B 13 9.32 25.87 -0.63
N PHE B 14 10.22 24.92 -0.92
CA PHE B 14 10.24 23.64 -0.27
C PHE B 14 11.64 23.38 0.20
N SER B 15 11.81 23.00 1.45
CA SER B 15 13.14 22.67 1.93
C SER B 15 13.03 21.17 2.11
N ILE B 16 13.82 20.44 1.33
CA ILE B 16 13.78 18.99 1.34
C ILE B 16 15.11 18.42 1.74
N TYR B 17 15.07 17.35 2.53
CA TYR B 17 16.25 16.66 3.03
C TYR B 17 17.02 15.99 1.88
N ARG B 18 18.34 16.04 1.93
CA ARG B 18 19.17 15.48 0.86
C ARG B 18 20.38 14.78 1.37
N TRP B 19 20.66 13.61 0.80
CA TRP B 19 21.85 12.87 1.17
C TRP B 19 22.16 11.85 0.11
N ASP B 20 23.34 11.97 -0.49
CA ASP B 20 23.75 11.04 -1.54
C ASP B 20 24.72 10.04 -0.93
N PRO B 21 24.35 8.75 -0.98
CA PRO B 21 25.24 7.74 -0.42
C PRO B 21 26.39 7.49 -1.40
N ASP B 22 26.33 8.15 -2.54
CA ASP B 22 27.34 7.97 -3.57
C ASP B 22 28.27 9.15 -3.73
N LYS B 23 28.13 10.13 -2.84
CA LYS B 23 29.04 11.26 -2.86
C LYS B 23 29.82 10.90 -1.61
N PRO B 24 31.08 10.45 -1.78
CA PRO B 24 31.90 10.06 -0.63
C PRO B 24 31.97 11.16 0.42
N GLY B 25 31.68 10.78 1.66
CA GLY B 25 31.71 11.73 2.76
C GLY B 25 30.74 12.89 2.62
N ASP B 26 29.51 12.59 2.20
CA ASP B 26 28.48 13.63 2.04
C ASP B 26 27.73 13.77 3.36
N LYS B 27 27.18 14.95 3.62
CA LYS B 27 26.44 15.19 4.86
C LYS B 27 25.03 15.61 4.50
N PRO B 28 24.03 15.17 5.28
CA PRO B 28 22.65 15.54 5.00
C PRO B 28 22.59 17.03 4.92
N ARG B 29 21.84 17.55 3.96
CA ARG B 29 21.73 18.97 3.84
C ARG B 29 20.34 19.22 3.35
N MET B 30 19.81 20.40 3.63
CA MET B 30 18.48 20.73 3.15
C MET B 30 18.63 21.59 1.90
N GLN B 31 17.92 21.21 0.83
CA GLN B 31 17.93 22.00 -0.40
C GLN B 31 16.58 22.65 -0.55
N THR B 32 16.57 23.87 -1.05
CA THR B 32 15.33 24.60 -1.22
C THR B 32 14.91 24.71 -2.68
N TYR B 33 13.63 24.44 -2.93
CA TYR B 33 13.12 24.54 -4.29
C TYR B 33 11.93 25.49 -4.36
N GLU B 34 11.87 26.25 -5.46
CA GLU B 34 10.77 27.17 -5.67
C GLU B 34 9.86 26.57 -6.71
N VAL B 35 8.57 26.55 -6.44
CA VAL B 35 7.64 25.99 -7.40
C VAL B 35 6.47 26.92 -7.66
N ASP B 36 6.00 26.98 -8.89
CA ASP B 36 4.85 27.80 -9.19
C ASP B 36 3.63 26.88 -9.00
N LEU B 37 2.79 27.19 -8.02
CA LEU B 37 1.61 26.38 -7.73
C LEU B 37 0.54 26.52 -8.76
N ASN B 38 0.77 27.41 -9.71
CA ASN B 38 -0.20 27.61 -10.76
C ASN B 38 0.07 26.66 -11.89
N LYS B 39 1.25 26.08 -11.89
CA LYS B 39 1.60 25.12 -12.93
C LYS B 39 2.04 23.81 -12.24
N CYS B 40 1.29 23.46 -11.20
CA CYS B 40 1.55 22.26 -10.43
C CYS B 40 0.24 21.71 -9.83
N GLY B 41 0.19 20.39 -9.72
CA GLY B 41 -0.99 19.78 -9.13
C GLY B 41 -1.08 20.24 -7.69
N PRO B 42 -2.23 20.04 -7.05
CA PRO B 42 -2.51 20.43 -5.67
C PRO B 42 -1.76 19.70 -4.56
N MET B 43 -1.18 18.54 -4.88
CA MET B 43 -0.49 17.72 -3.89
C MET B 43 1.04 17.85 -3.82
N VAL B 44 1.58 17.71 -2.63
CA VAL B 44 3.00 17.79 -2.46
C VAL B 44 3.76 16.83 -3.37
N LEU B 45 3.17 15.66 -3.64
CA LEU B 45 3.87 14.74 -4.52
C LEU B 45 3.89 15.41 -5.89
N ASP B 46 2.81 16.07 -6.26
CA ASP B 46 2.77 16.74 -7.55
C ASP B 46 3.98 17.69 -7.56
N ALA B 47 4.26 18.33 -6.43
CA ALA B 47 5.41 19.24 -6.34
C ALA B 47 6.73 18.51 -6.43
N LEU B 48 6.81 17.37 -5.78
CA LEU B 48 8.05 16.61 -5.78
C LEU B 48 8.37 16.11 -7.17
N ILE B 49 7.34 15.68 -7.90
CA ILE B 49 7.54 15.15 -9.24
C ILE B 49 7.95 16.26 -10.19
N LYS B 50 7.27 17.39 -10.07
CA LYS B 50 7.56 18.56 -10.89
C LYS B 50 9.02 18.98 -10.72
N ILE B 51 9.52 18.91 -9.49
CA ILE B 51 10.90 19.27 -9.16
C ILE B 51 11.89 18.29 -9.76
N LYS B 52 11.59 17.00 -9.65
CA LYS B 52 12.51 16.03 -10.22
C LYS B 52 12.47 16.15 -11.73
N ASN B 53 11.28 16.37 -12.27
CA ASN B 53 11.14 16.49 -13.71
C ASN B 53 11.71 17.77 -14.29
N GLU B 54 11.53 18.89 -13.59
CA GLU B 54 11.95 20.16 -14.13
C GLU B 54 13.12 20.98 -13.56
N LEU B 55 13.65 20.58 -12.39
CA LEU B 55 14.73 21.29 -11.73
C LEU B 55 15.84 20.41 -11.18
N ASP B 56 15.50 19.23 -10.69
CA ASP B 56 16.56 18.40 -10.14
C ASP B 56 16.19 16.93 -10.13
N SER B 57 16.34 16.32 -11.30
CA SER B 57 16.04 14.91 -11.47
C SER B 57 16.89 14.01 -10.57
N THR B 58 17.65 14.61 -9.65
CA THR B 58 18.48 13.82 -8.75
C THR B 58 17.78 13.72 -7.42
N LEU B 59 16.67 14.43 -7.28
CA LEU B 59 15.87 14.36 -6.04
C LEU B 59 15.20 13.00 -6.14
N THR B 60 15.51 12.13 -5.20
CA THR B 60 15.00 10.77 -5.21
C THR B 60 13.93 10.58 -4.13
N PHE B 61 12.95 9.70 -4.38
CA PHE B 61 11.91 9.40 -3.40
C PHE B 61 11.03 8.30 -3.93
N ARG B 62 10.18 7.73 -3.08
CA ARG B 62 9.29 6.66 -3.48
C ARG B 62 7.93 7.18 -3.81
N ARG B 63 7.32 6.55 -4.81
CA ARG B 63 5.98 6.88 -5.22
C ARG B 63 5.55 5.77 -6.16
N SER B 64 4.26 5.63 -6.34
CA SER B 64 3.76 4.70 -7.29
C SER B 64 2.31 5.03 -7.60
N CYS B 65 1.44 4.64 -6.69
CA CYS B 65 0.03 4.81 -6.87
C CYS B 65 -0.48 6.24 -7.12
N ARG B 66 0.06 7.23 -6.43
CA ARG B 66 -0.39 8.62 -6.61
C ARG B 66 -1.85 8.94 -6.09
N GLU B 67 -2.48 8.00 -5.37
CA GLU B 67 -3.80 8.21 -4.82
C GLU B 67 -3.95 7.74 -3.36
N GLY B 68 -2.82 7.61 -2.66
CA GLY B 68 -2.88 7.23 -1.26
C GLY B 68 -3.36 5.82 -0.92
N ILE B 69 -3.11 4.83 -1.77
CA ILE B 69 -3.56 3.50 -1.41
C ILE B 69 -2.38 2.56 -1.31
N CYS B 70 -1.29 2.89 -2.00
CA CYS B 70 -0.14 2.02 -2.02
C CYS B 70 0.79 2.21 -0.82
N GLY B 71 0.72 3.37 -0.19
CA GLY B 71 1.58 3.62 0.95
C GLY B 71 3.05 3.93 0.63
N SER B 72 3.46 3.93 -0.64
CA SER B 72 4.87 4.19 -1.01
C SER B 72 5.48 5.53 -0.57
N CYS B 73 4.76 6.62 -0.84
CA CYS B 73 5.23 7.99 -0.63
C CYS B 73 5.23 8.59 0.78
N ALA B 74 5.10 7.75 1.79
CA ALA B 74 5.05 8.28 3.16
C ALA B 74 6.36 8.99 3.48
N MET B 75 6.26 10.21 4.02
CA MET B 75 7.43 11.01 4.40
C MET B 75 6.98 12.03 5.44
N ASN B 76 7.90 12.86 5.93
CA ASN B 76 7.53 13.88 6.92
C ASN B 76 7.41 15.25 6.24
N ILE B 77 6.20 15.77 6.24
CA ILE B 77 5.86 17.04 5.62
C ILE B 77 5.30 18.01 6.65
N ALA B 78 5.99 19.12 6.85
CA ALA B 78 5.56 20.12 7.81
C ALA B 78 5.42 19.44 9.18
N GLY B 79 6.50 18.75 9.54
CA GLY B 79 6.62 18.08 10.81
C GLY B 79 5.78 16.88 11.08
N GLY B 80 4.95 16.49 10.12
CA GLY B 80 4.07 15.35 10.33
C GLY B 80 4.20 14.29 9.28
N ASN B 81 3.96 13.05 9.68
CA ASN B 81 4.09 11.94 8.74
C ASN B 81 2.85 11.82 7.96
N THR B 82 3.00 11.74 6.66
CA THR B 82 1.81 11.62 5.85
C THR B 82 2.18 11.13 4.47
N LEU B 83 1.20 11.01 3.57
CA LEU B 83 1.52 10.54 2.24
C LEU B 83 1.62 11.78 1.35
N ALA B 84 2.75 11.97 0.68
CA ALA B 84 2.93 13.17 -0.17
C ALA B 84 1.84 13.30 -1.23
N CYS B 85 1.39 12.17 -1.73
CA CYS B 85 0.38 12.13 -2.77
C CYS B 85 -1.06 12.54 -2.34
N THR B 86 -1.32 12.68 -1.04
CA THR B 86 -2.67 13.11 -0.58
C THR B 86 -2.63 14.29 0.37
N LYS B 87 -1.45 14.86 0.54
CA LYS B 87 -1.28 16.01 1.40
C LYS B 87 -1.25 17.29 0.54
N LYS B 88 -2.26 18.15 0.70
CA LYS B 88 -2.36 19.41 -0.03
C LYS B 88 -1.13 20.26 0.24
N ILE B 89 -0.66 20.96 -0.78
CA ILE B 89 0.47 21.86 -0.63
C ILE B 89 -0.10 23.03 0.17
N ASP B 90 0.66 23.56 1.13
CA ASP B 90 0.18 24.71 1.89
C ASP B 90 0.29 25.94 0.97
N PRO B 91 -0.85 26.55 0.60
CA PRO B 91 -0.91 27.71 -0.29
C PRO B 91 -0.31 29.03 0.22
N ASP B 92 0.07 29.08 1.50
CA ASP B 92 0.66 30.28 2.12
C ASP B 92 2.08 30.45 1.60
N LEU B 93 2.23 31.36 0.64
CA LEU B 93 3.52 31.59 0.03
C LEU B 93 4.57 32.10 1.00
N SER B 94 4.13 32.51 2.19
CA SER B 94 5.07 33.03 3.17
C SER B 94 5.78 31.91 3.95
N LYS B 95 5.45 30.67 3.65
CA LYS B 95 6.06 29.57 4.37
C LYS B 95 6.80 28.62 3.47
N THR B 96 7.93 28.14 3.98
CA THR B 96 8.70 27.18 3.22
C THR B 96 8.33 25.85 3.85
N THR B 97 7.76 24.95 3.06
CA THR B 97 7.40 23.62 3.56
C THR B 97 8.63 22.73 3.64
N LYS B 98 8.85 22.18 4.83
CA LYS B 98 9.99 21.31 5.08
C LYS B 98 9.57 19.85 4.90
N ILE B 99 10.37 19.15 4.12
CA ILE B 99 10.11 17.78 3.77
C ILE B 99 11.29 16.94 4.21
N TYR B 100 11.04 15.96 5.08
CA TYR B 100 12.11 15.06 5.58
C TYR B 100 11.70 13.61 5.33
N PRO B 101 12.60 12.63 5.59
CA PRO B 101 12.21 11.24 5.38
C PRO B 101 11.46 10.81 6.62
N LEU B 102 10.86 9.62 6.61
CA LEU B 102 10.15 9.18 7.82
C LEU B 102 11.18 9.27 8.91
N PRO B 103 10.77 9.79 10.08
CA PRO B 103 11.65 9.97 11.23
C PRO B 103 12.37 8.79 11.83
N HIS B 104 13.59 9.05 12.29
CA HIS B 104 14.41 8.05 12.96
C HIS B 104 14.55 6.80 12.12
N MET B 105 14.94 6.98 10.87
CA MET B 105 15.12 5.82 9.99
C MET B 105 16.45 5.94 9.31
N TYR B 106 17.04 4.82 9.01
CA TYR B 106 18.28 4.91 8.26
C TYR B 106 17.94 5.41 6.86
N VAL B 107 18.55 6.51 6.45
CA VAL B 107 18.26 7.03 5.15
C VAL B 107 19.09 6.35 4.06
N VAL B 108 18.43 5.70 3.11
CA VAL B 108 19.14 5.02 2.02
C VAL B 108 19.59 6.09 1.07
N LYS B 109 18.69 7.00 0.77
CA LYS B 109 19.01 8.12 -0.06
C LYS B 109 17.89 9.13 -0.01
N ASP B 110 18.26 10.39 0.18
CA ASP B 110 17.30 11.49 0.23
C ASP B 110 16.10 11.24 1.13
N LEU B 111 14.93 11.04 0.52
CA LEU B 111 13.68 10.86 1.27
C LEU B 111 13.27 9.42 1.34
N VAL B 112 14.23 8.57 1.02
CA VAL B 112 14.00 7.14 0.99
C VAL B 112 14.61 6.44 2.18
N PRO B 113 13.75 5.95 3.08
CA PRO B 113 14.11 5.23 4.30
C PRO B 113 14.25 3.74 4.08
N ASP B 114 15.11 3.09 4.85
CA ASP B 114 15.26 1.65 4.75
C ASP B 114 14.19 1.01 5.65
N LEU B 115 13.10 0.52 5.06
CA LEU B 115 11.99 -0.09 5.81
C LEU B 115 12.05 -1.59 6.11
N SER B 116 13.21 -2.22 5.92
CA SER B 116 13.26 -3.68 6.13
C SER B 116 12.95 -4.20 7.52
N ASN B 117 13.32 -3.48 8.57
CA ASN B 117 13.02 -3.92 9.94
C ASN B 117 11.50 -3.87 10.14
N PHE B 118 10.90 -2.82 9.60
CA PHE B 118 9.47 -2.64 9.67
C PHE B 118 8.84 -3.83 8.94
N TYR B 119 9.33 -4.14 7.75
CA TYR B 119 8.73 -5.26 7.04
C TYR B 119 8.89 -6.56 7.79
N ALA B 120 10.08 -6.76 8.37
CA ALA B 120 10.35 -8.00 9.09
C ALA B 120 9.45 -8.15 10.32
N GLN B 121 9.13 -7.02 10.95
CA GLN B 121 8.30 -7.03 12.14
C GLN B 121 6.91 -7.47 11.76
N TYR B 122 6.49 -7.02 10.59
CA TYR B 122 5.18 -7.38 10.11
C TYR B 122 5.19 -8.86 9.87
N LYS B 123 6.22 -9.34 9.18
CA LYS B 123 6.30 -10.79 8.93
C LYS B 123 6.25 -11.58 10.25
N SER B 124 6.89 -11.06 11.28
CA SER B 124 6.95 -11.80 12.52
C SER B 124 5.62 -12.05 13.24
N ILE B 125 4.54 -11.35 12.91
CA ILE B 125 3.31 -11.64 13.62
C ILE B 125 2.40 -12.60 12.86
N GLU B 126 2.91 -13.12 11.75
CA GLU B 126 2.19 -14.07 10.92
C GLU B 126 0.85 -13.49 10.55
N PRO B 127 0.87 -12.48 9.67
CA PRO B 127 -0.31 -11.78 9.18
C PRO B 127 -0.92 -12.58 8.06
N TYR B 128 -1.65 -13.64 8.41
CA TYR B 128 -2.28 -14.48 7.42
C TYR B 128 -3.17 -15.41 8.17
N LEU B 129 -4.22 -15.88 7.53
CA LEU B 129 -5.18 -16.74 8.21
C LEU B 129 -4.61 -18.08 8.64
N LYS B 130 -4.76 -18.40 9.92
CA LYS B 130 -4.29 -19.66 10.45
C LYS B 130 -5.47 -20.41 11.10
N LYS B 131 -5.78 -21.60 10.59
CA LYS B 131 -6.86 -22.41 11.17
C LYS B 131 -6.22 -23.67 11.72
N LYS B 132 -6.77 -24.19 12.81
CA LYS B 132 -6.23 -25.41 13.38
C LYS B 132 -6.23 -26.49 12.32
N ASP B 133 -7.41 -26.80 11.78
CA ASP B 133 -7.46 -27.80 10.72
C ASP B 133 -7.35 -27.06 9.40
N GLU B 134 -6.19 -27.18 8.77
CA GLU B 134 -5.93 -26.55 7.47
C GLU B 134 -6.00 -27.64 6.38
N SER B 135 -6.63 -28.75 6.73
CA SER B 135 -6.79 -29.91 5.84
C SER B 135 -7.82 -29.64 4.77
N LYS B 136 -8.66 -28.63 5.04
CA LYS B 136 -9.74 -28.27 4.13
C LYS B 136 -9.53 -26.95 3.42
N GLN B 137 -8.28 -26.56 3.20
CA GLN B 137 -8.02 -25.30 2.53
C GLN B 137 -8.35 -25.37 1.04
N GLY B 138 -9.25 -24.49 0.61
CA GLY B 138 -9.64 -24.44 -0.78
C GLY B 138 -10.94 -25.07 -1.22
N LYS B 139 -11.65 -25.75 -0.35
CA LYS B 139 -12.90 -26.39 -0.77
C LYS B 139 -14.14 -25.50 -0.71
N GLU B 140 -14.25 -24.65 0.30
CA GLU B 140 -15.42 -23.80 0.41
C GLU B 140 -15.17 -22.52 1.17
N GLN B 141 -15.90 -21.47 0.79
CA GLN B 141 -15.75 -20.22 1.49
C GLN B 141 -16.05 -20.45 2.97
N TYR B 142 -15.16 -19.95 3.84
CA TYR B 142 -15.38 -20.02 5.28
C TYR B 142 -16.55 -19.07 5.50
N LEU B 143 -17.32 -19.29 6.55
CA LEU B 143 -18.46 -18.42 6.78
C LEU B 143 -18.16 -17.33 7.78
N GLN B 144 -18.53 -16.09 7.45
CA GLN B 144 -18.31 -15.02 8.39
C GLN B 144 -19.49 -14.09 8.29
N SER B 145 -20.10 -13.81 9.43
CA SER B 145 -21.25 -12.95 9.47
C SER B 145 -20.89 -11.51 9.18
N ILE B 146 -21.90 -10.79 8.72
CA ILE B 146 -21.72 -9.38 8.49
C ILE B 146 -21.15 -8.75 9.74
N GLU B 147 -21.71 -9.10 10.90
CA GLU B 147 -21.26 -8.54 12.17
C GLU B 147 -19.79 -8.83 12.46
N ASP B 148 -19.34 -10.04 12.18
CA ASP B 148 -17.93 -10.32 12.46
C ASP B 148 -17.01 -9.70 11.39
N ARG B 149 -17.54 -9.54 10.17
CA ARG B 149 -16.74 -8.97 9.12
C ARG B 149 -16.59 -7.50 9.41
N GLN B 150 -17.54 -6.94 10.17
CA GLN B 150 -17.50 -5.52 10.50
C GLN B 150 -16.37 -5.14 11.47
N LYS B 151 -16.07 -6.07 12.37
CA LYS B 151 -15.01 -5.84 13.32
C LYS B 151 -13.70 -5.63 12.59
N LEU B 152 -13.63 -6.03 11.34
CA LEU B 152 -12.41 -5.85 10.59
C LEU B 152 -12.25 -4.44 10.04
N ASP B 153 -13.35 -3.70 9.90
CA ASP B 153 -13.27 -2.33 9.41
C ASP B 153 -12.42 -1.44 10.30
N GLY B 154 -11.57 -0.62 9.68
CA GLY B 154 -10.72 0.23 10.47
C GLY B 154 -9.45 -0.54 10.82
N LEU B 155 -9.33 -1.80 10.37
CA LEU B 155 -8.12 -2.56 10.63
C LEU B 155 -7.54 -3.05 9.31
N TYR B 156 -8.36 -3.60 8.43
CA TYR B 156 -7.82 -4.14 7.21
C TYR B 156 -7.27 -3.12 6.19
N GLU B 157 -7.71 -1.87 6.31
CA GLU B 157 -7.39 -0.82 5.39
C GLU B 157 -5.98 -0.31 5.42
N CYS B 158 -5.29 -0.72 6.47
CA CYS B 158 -3.94 -0.26 6.63
C CYS B 158 -3.18 -0.51 5.34
N ILE B 159 -2.34 0.44 4.95
CA ILE B 159 -1.58 0.28 3.73
C ILE B 159 -0.12 0.08 4.04
N LEU B 160 0.20 -0.23 5.29
CA LEU B 160 1.58 -0.45 5.65
C LEU B 160 2.52 0.62 5.10
N CYS B 161 2.13 1.88 5.30
CA CYS B 161 2.90 3.05 4.88
C CYS B 161 4.06 3.40 5.88
N ALA B 162 3.83 3.05 7.15
CA ALA B 162 4.76 3.25 8.29
C ALA B 162 4.79 4.66 8.86
N CYS B 163 3.80 5.46 8.49
CA CYS B 163 3.79 6.80 9.03
C CYS B 163 3.59 6.77 10.56
N CYS B 164 2.63 5.97 10.99
CA CYS B 164 2.26 5.86 12.42
C CYS B 164 3.45 5.32 13.21
N SER B 165 3.99 4.19 12.79
CA SER B 165 5.14 3.69 13.54
C SER B 165 6.31 4.69 13.55
N THR B 166 6.60 5.37 12.42
CA THR B 166 7.75 6.32 12.45
C THR B 166 7.40 7.64 13.09
N SER B 167 6.21 7.71 13.68
CA SER B 167 5.79 8.93 14.37
C SER B 167 5.78 8.67 15.86
N CYS B 168 5.80 7.40 16.24
CA CYS B 168 5.77 7.05 17.65
C CYS B 168 7.14 7.08 18.35
N PRO B 169 7.31 7.98 19.34
CA PRO B 169 8.60 8.05 20.04
C PRO B 169 9.06 6.71 20.62
N SER B 170 8.13 5.85 21.00
CA SER B 170 8.48 4.56 21.57
C SER B 170 9.21 3.69 20.58
N TYR B 171 8.82 3.87 19.32
CA TYR B 171 9.37 3.10 18.23
C TYR B 171 10.69 3.77 17.86
N TRP B 172 10.79 5.05 18.17
CA TRP B 172 12.04 5.74 17.89
C TRP B 172 13.16 5.23 18.83
N TRP B 173 12.79 4.90 20.06
CA TRP B 173 13.78 4.49 21.05
C TRP B 173 13.98 2.98 21.12
N ASN B 174 12.91 2.22 20.86
CA ASN B 174 13.02 0.79 20.91
C ASN B 174 12.51 0.04 19.68
N GLY B 175 12.60 0.70 18.51
CA GLY B 175 12.12 0.09 17.27
C GLY B 175 12.66 -1.30 17.01
N ASP B 176 13.79 -1.65 17.63
CA ASP B 176 14.38 -2.98 17.43
C ASP B 176 13.55 -4.04 18.09
N LYS B 177 12.84 -3.70 19.15
CA LYS B 177 12.03 -4.70 19.86
C LYS B 177 10.54 -4.40 19.94
N TYR B 178 10.19 -3.12 19.89
CA TYR B 178 8.79 -2.76 19.95
C TYR B 178 8.26 -2.90 18.53
N LEU B 179 7.22 -3.69 18.34
CA LEU B 179 6.69 -3.88 16.99
C LEU B 179 6.17 -2.58 16.37
N GLY B 180 5.49 -1.75 17.17
CA GLY B 180 5.01 -0.50 16.60
C GLY B 180 3.52 -0.55 16.32
N PRO B 181 2.86 0.62 16.19
CA PRO B 181 1.42 0.63 15.93
C PRO B 181 1.03 -0.12 14.63
N ALA B 182 1.75 0.14 13.54
CA ALA B 182 1.42 -0.56 12.30
C ALA B 182 1.24 -2.07 12.48
N VAL B 183 2.32 -2.71 12.93
CA VAL B 183 2.25 -4.14 13.05
C VAL B 183 1.31 -4.60 14.13
N LEU B 184 1.27 -3.89 15.25
CA LEU B 184 0.38 -4.32 16.33
C LEU B 184 -1.06 -4.29 15.88
N MET B 185 -1.51 -3.18 15.29
CA MET B 185 -2.89 -3.18 14.85
C MET B 185 -3.16 -4.42 13.96
N GLN B 186 -2.25 -4.69 13.01
CA GLN B 186 -2.43 -5.90 12.18
C GLN B 186 -2.46 -7.18 13.05
N ALA B 187 -1.59 -7.30 14.05
CA ALA B 187 -1.64 -8.50 14.92
C ALA B 187 -3.10 -8.59 15.49
N TYR B 188 -3.66 -7.46 15.88
CA TYR B 188 -5.06 -7.41 16.38
C TYR B 188 -6.02 -7.74 15.24
N ARG B 189 -5.68 -7.29 14.03
CA ARG B 189 -6.52 -7.56 12.84
C ARG B 189 -6.74 -9.07 12.69
N TRP B 190 -5.70 -9.86 13.00
CA TRP B 190 -5.83 -11.30 12.91
C TRP B 190 -6.42 -11.90 14.20
N MET B 191 -6.22 -11.24 15.33
CA MET B 191 -6.76 -11.76 16.57
C MET B 191 -8.26 -11.79 16.54
N ILE B 192 -8.86 -10.77 15.96
CA ILE B 192 -10.30 -10.75 15.92
C ILE B 192 -10.94 -11.20 14.62
N ASP B 193 -10.17 -11.80 13.71
CA ASP B 193 -10.81 -12.28 12.50
C ASP B 193 -11.51 -13.53 13.01
N SER B 194 -12.83 -13.57 12.85
CA SER B 194 -13.61 -14.71 13.35
C SER B 194 -13.19 -16.02 12.75
N ARG B 195 -12.43 -15.93 11.65
CA ARG B 195 -11.99 -17.14 10.96
C ARG B 195 -10.65 -17.72 11.48
N ASP B 196 -9.84 -16.92 12.17
CA ASP B 196 -8.52 -17.33 12.69
C ASP B 196 -8.66 -18.12 13.99
N ASP B 197 -7.85 -19.16 14.14
CA ASP B 197 -7.84 -20.07 15.29
C ASP B 197 -6.60 -19.96 16.17
N TYR B 198 -5.86 -18.89 16.03
CA TYR B 198 -4.66 -18.76 16.83
C TYR B 198 -4.63 -17.49 17.71
N THR B 199 -5.81 -17.04 18.11
CA THR B 199 -5.85 -15.84 18.89
C THR B 199 -4.98 -15.98 20.12
N GLU B 200 -5.16 -17.04 20.88
CA GLU B 200 -4.34 -17.20 22.07
C GLU B 200 -2.84 -17.22 21.78
N GLU B 201 -2.44 -17.84 20.68
CA GLU B 201 -1.02 -17.89 20.35
C GLU B 201 -0.50 -16.53 19.90
N ARG B 202 -1.38 -15.77 19.26
CA ARG B 202 -1.01 -14.45 18.76
C ARG B 202 -0.76 -13.51 19.94
N LEU B 203 -1.52 -13.71 21.01
CA LEU B 203 -1.32 -12.87 22.19
C LEU B 203 -0.02 -13.32 22.90
N ALA B 204 0.15 -14.64 22.98
CA ALA B 204 1.30 -15.23 23.65
C ALA B 204 2.58 -14.62 23.15
N GLN B 205 2.67 -14.40 21.85
CA GLN B 205 3.85 -13.80 21.27
C GLN B 205 4.18 -12.40 21.78
N LEU B 206 3.21 -11.75 22.40
CA LEU B 206 3.47 -10.40 22.89
C LEU B 206 3.73 -10.35 24.40
N GLN B 207 3.96 -11.51 25.01
CA GLN B 207 4.22 -11.58 26.42
C GLN B 207 5.68 -11.29 26.72
N ASP B 208 6.09 -10.05 26.52
CA ASP B 208 7.44 -9.64 26.81
C ASP B 208 7.40 -8.17 27.05
N PRO B 209 8.47 -7.59 27.58
CA PRO B 209 8.44 -6.16 27.85
C PRO B 209 8.42 -5.19 26.69
N PHE B 210 8.71 -5.66 25.49
CA PHE B 210 8.81 -4.73 24.34
C PHE B 210 7.85 -4.80 23.18
N SER B 211 7.73 -5.98 22.59
CA SER B 211 6.90 -6.20 21.44
C SER B 211 5.67 -5.26 21.42
N LEU B 212 4.86 -5.34 22.48
CA LEU B 212 3.68 -4.57 22.69
C LEU B 212 3.74 -3.51 23.80
N TYR B 213 4.29 -3.88 24.97
CA TYR B 213 4.25 -2.97 26.11
C TYR B 213 5.06 -1.72 26.15
N ARG B 214 5.78 -1.43 25.07
CA ARG B 214 6.50 -0.17 25.05
C ARG B 214 5.42 0.92 24.64
N CYS B 215 4.17 0.57 24.33
CA CYS B 215 3.15 1.61 24.00
C CYS B 215 2.65 2.23 25.28
N HIS B 216 2.94 3.52 25.46
CA HIS B 216 2.45 4.23 26.63
C HIS B 216 1.32 5.21 26.19
N THR B 217 0.60 4.88 25.14
CA THR B 217 -0.54 5.72 24.68
C THR B 217 -0.29 7.18 24.31
N ILE B 218 0.83 7.46 23.60
CA ILE B 218 1.18 8.81 23.16
C ILE B 218 0.20 9.39 22.09
N MET B 219 -0.50 8.49 21.42
CA MET B 219 -1.46 8.77 20.34
C MET B 219 -0.96 9.57 19.12
N ASN B 220 0.36 9.59 18.89
CA ASN B 220 0.85 10.25 17.69
C ASN B 220 0.43 9.40 16.51
N CYS B 221 0.50 8.09 16.72
CA CYS B 221 0.14 7.19 15.65
C CYS B 221 -1.21 7.48 15.00
N THR B 222 -2.28 7.48 15.81
CA THR B 222 -3.63 7.74 15.34
C THR B 222 -3.78 9.10 14.66
N ARG B 223 -3.13 10.09 15.22
CA ARG B 223 -3.18 11.43 14.64
C ARG B 223 -2.56 11.46 13.24
N THR B 224 -1.46 10.76 13.06
CA THR B 224 -0.74 10.79 11.80
C THR B 224 -1.28 9.87 10.72
N CYS B 225 -2.20 8.97 11.05
CA CYS B 225 -2.59 8.02 9.99
C CYS B 225 -3.34 8.57 8.79
N PRO B 226 -2.72 8.47 7.62
CA PRO B 226 -3.24 8.90 6.32
C PRO B 226 -4.58 8.25 6.00
N LYS B 227 -4.88 7.11 6.61
CA LYS B 227 -6.15 6.47 6.27
C LYS B 227 -7.18 6.66 7.36
N GLY B 228 -6.85 7.48 8.36
CA GLY B 228 -7.81 7.73 9.40
C GLY B 228 -8.03 6.52 10.29
N LEU B 229 -7.04 5.64 10.31
CA LEU B 229 -7.12 4.47 11.16
C LEU B 229 -6.70 4.83 12.59
N ASN B 230 -7.04 4.00 13.56
CA ASN B 230 -6.69 4.27 14.95
C ASN B 230 -5.80 3.12 15.53
N PRO B 231 -4.50 3.11 15.18
CA PRO B 231 -3.71 2.01 15.74
C PRO B 231 -3.63 2.04 17.25
N GLY B 232 -3.60 3.25 17.79
CA GLY B 232 -3.57 3.42 19.22
C GLY B 232 -4.71 2.73 19.94
N LYS B 233 -5.88 2.67 19.34
CA LYS B 233 -6.99 2.01 20.02
C LYS B 233 -6.93 0.52 19.89
N ALA B 234 -6.34 0.06 18.78
CA ALA B 234 -6.25 -1.35 18.55
C ALA B 234 -5.31 -1.86 19.63
N ILE B 235 -4.22 -1.14 19.81
CA ILE B 235 -3.27 -1.50 20.80
C ILE B 235 -3.85 -1.66 22.18
N ALA B 236 -4.85 -0.86 22.51
CA ALA B 236 -5.46 -0.95 23.83
C ALA B 236 -6.41 -2.10 23.95
N GLU B 237 -6.92 -2.53 22.82
CA GLU B 237 -7.84 -3.65 22.88
C GLU B 237 -6.99 -4.88 23.08
N ILE B 238 -5.80 -4.89 22.49
CA ILE B 238 -4.87 -6.01 22.62
C ILE B 238 -4.51 -6.21 24.10
N LYS B 239 -4.24 -5.10 24.79
CA LYS B 239 -3.87 -5.07 26.21
C LYS B 239 -5.00 -5.66 27.04
N LYS B 240 -6.23 -5.34 26.66
CA LYS B 240 -7.32 -5.91 27.41
C LYS B 240 -7.41 -7.40 27.18
N MET B 241 -7.02 -7.86 26.01
CA MET B 241 -7.09 -9.28 25.76
C MET B 241 -5.90 -9.90 26.45
N MET B 242 -4.77 -9.25 26.28
CA MET B 242 -3.52 -9.67 26.86
C MET B 242 -3.69 -9.95 28.33
N ALA B 243 -4.62 -9.23 28.94
CA ALA B 243 -4.81 -9.39 30.36
C ALA B 243 -6.08 -10.11 30.77
N THR B 244 -6.70 -10.86 29.87
CA THR B 244 -7.92 -11.61 30.18
C THR B 244 -7.92 -13.03 29.60
N TYR B 245 -7.12 -13.28 28.57
CA TYR B 245 -7.10 -14.60 27.96
C TYR B 245 -6.52 -15.66 28.91
N LYS B 246 -6.94 -16.91 28.71
CA LYS B 246 -6.48 -18.04 29.53
C LYS B 246 -5.81 -19.12 28.70
N GLU B 247 -4.76 -19.73 29.26
CA GLU B 247 -4.05 -20.77 28.55
C GLU B 247 -4.89 -22.05 28.48
N ALA C 2 14.60 -18.64 1.74
CA ALA C 2 14.10 -17.34 2.30
C ALA C 2 14.76 -17.03 3.63
N THR C 3 14.45 -15.84 4.14
CA THR C 3 15.03 -15.41 5.41
C THR C 3 13.92 -15.23 6.43
N THR C 4 14.11 -15.74 7.64
CA THR C 4 13.10 -15.60 8.70
C THR C 4 13.11 -14.14 9.15
N ALA C 5 12.02 -13.74 9.78
CA ALA C 5 11.88 -12.36 10.26
C ALA C 5 13.01 -12.01 11.20
N LYS C 6 13.32 -12.92 12.13
CA LYS C 6 14.42 -12.68 13.05
C LYS C 6 15.70 -12.51 12.24
N GLU C 7 15.89 -13.33 11.22
CA GLU C 7 17.09 -13.16 10.42
C GLU C 7 17.13 -11.79 9.78
N GLU C 8 16.01 -11.37 9.19
CA GLU C 8 15.94 -10.06 8.56
C GLU C 8 16.24 -8.96 9.55
N MET C 9 15.62 -9.00 10.72
CA MET C 9 15.92 -7.93 11.67
C MET C 9 17.42 -7.89 11.93
N ALA C 10 18.00 -9.06 12.20
CA ALA C 10 19.43 -9.09 12.47
C ALA C 10 20.32 -8.50 11.36
N ARG C 11 20.01 -8.76 10.08
CA ARG C 11 20.87 -8.22 9.06
C ARG C 11 20.59 -6.75 8.85
N PHE C 12 19.38 -6.33 9.18
CA PHE C 12 19.01 -4.92 9.05
C PHE C 12 19.93 -4.09 9.91
N TRP C 13 20.06 -4.50 11.17
CA TRP C 13 20.90 -3.77 12.10
C TRP C 13 22.37 -3.86 11.72
N GLU C 14 22.77 -5.07 11.35
CA GLU C 14 24.11 -5.42 10.92
C GLU C 14 24.50 -4.55 9.73
N LYS C 15 23.66 -4.56 8.71
CA LYS C 15 23.91 -3.76 7.52
C LYS C 15 24.07 -2.28 7.93
N ASN C 16 22.96 -1.66 8.28
CA ASN C 16 22.91 -0.27 8.67
C ASN C 16 23.84 0.26 9.77
N THR C 17 24.01 -0.44 10.89
CA THR C 17 24.90 0.10 11.93
C THR C 17 26.35 0.20 11.42
N LYS C 18 26.70 -0.56 10.40
CA LYS C 18 28.06 -0.46 9.87
C LYS C 18 28.07 0.27 8.53
N SER C 19 27.00 1.00 8.24
CA SER C 19 26.89 1.75 7.00
C SER C 19 27.27 3.18 7.26
N SER C 20 27.23 4.00 6.21
CA SER C 20 27.51 5.42 6.35
C SER C 20 26.16 6.13 6.19
N ARG C 21 25.08 5.38 6.44
CA ARG C 21 23.75 5.94 6.33
C ARG C 21 23.42 6.73 7.58
N PRO C 22 22.90 7.95 7.39
CA PRO C 22 22.53 8.81 8.50
C PRO C 22 21.15 8.41 9.03
N LEU C 23 20.82 8.81 10.25
CA LEU C 23 19.49 8.52 10.82
C LEU C 23 18.63 9.71 10.49
N SER C 24 17.45 9.50 9.90
CA SER C 24 16.62 10.65 9.56
C SER C 24 16.25 11.37 10.86
N PRO C 25 16.08 12.70 10.81
CA PRO C 25 15.73 13.30 12.09
C PRO C 25 14.33 12.96 12.62
N HIS C 26 14.11 13.13 13.93
CA HIS C 26 12.83 12.84 14.57
C HIS C 26 12.36 13.93 15.53
N ILE C 27 12.72 13.80 16.80
CA ILE C 27 12.33 14.76 17.81
C ILE C 27 12.73 16.19 17.39
N SER C 28 13.86 16.37 16.73
CA SER C 28 14.24 17.73 16.33
C SER C 28 13.38 18.37 15.21
N ILE C 29 12.67 17.55 14.44
CA ILE C 29 11.86 18.08 13.33
C ILE C 29 10.36 17.81 13.40
N TYR C 30 9.96 16.92 14.30
CA TYR C 30 8.55 16.53 14.42
C TYR C 30 7.62 17.58 15.01
N LYS C 31 6.41 17.70 14.45
CA LYS C 31 5.42 18.68 14.91
C LYS C 31 4.72 18.23 16.17
N TRP C 32 4.68 19.10 17.17
CA TRP C 32 4.03 18.77 18.42
C TRP C 32 2.54 18.99 18.36
N SER C 33 1.88 18.38 19.34
CA SER C 33 0.43 18.45 19.52
C SER C 33 0.22 18.47 21.05
N LEU C 34 -0.97 18.85 21.50
CA LEU C 34 -1.15 18.88 22.97
C LEU C 34 -1.01 17.46 23.49
N PRO C 35 -1.67 16.52 22.85
CA PRO C 35 -1.57 15.16 23.32
C PRO C 35 -0.11 14.71 23.55
N MET C 36 0.74 14.96 22.55
CA MET C 36 2.11 14.55 22.66
C MET C 36 2.79 15.22 23.82
N ALA C 37 2.56 16.52 23.96
CA ALA C 37 3.18 17.27 25.03
C ALA C 37 2.68 16.90 26.40
N MET C 38 1.38 16.59 26.51
CA MET C 38 0.87 16.24 27.82
C MET C 38 1.35 14.86 28.19
N SER C 39 1.74 14.10 27.17
CA SER C 39 2.14 12.77 27.41
C SER C 39 3.52 12.66 28.04
N ILE C 40 4.44 13.47 27.58
CA ILE C 40 5.77 13.42 28.10
C ILE C 40 5.78 14.17 29.42
N THR C 41 4.91 15.17 29.54
CA THR C 41 4.81 15.91 30.77
C THR C 41 4.31 14.96 31.88
N HIS C 42 3.48 14.00 31.49
CA HIS C 42 3.02 13.04 32.44
C HIS C 42 4.23 12.24 32.94
N ARG C 43 5.22 12.08 32.07
CA ARG C 43 6.40 11.33 32.41
C ARG C 43 7.33 12.12 33.33
N GLY C 44 7.55 13.36 32.95
CA GLY C 44 8.39 14.25 33.73
C GLY C 44 7.83 14.44 35.12
N THR C 45 6.52 14.57 35.24
CA THR C 45 5.88 14.73 36.55
C THR C 45 5.99 13.45 37.39
N GLY C 46 5.75 12.30 36.79
CA GLY C 46 5.82 11.05 37.55
C GLY C 46 7.23 10.91 38.13
N VAL C 47 8.21 11.14 37.27
CA VAL C 47 9.57 11.07 37.67
C VAL C 47 9.87 12.08 38.74
N ALA C 48 9.36 13.28 38.57
CA ALA C 48 9.66 14.28 39.57
C ALA C 48 8.99 13.96 40.87
N LEU C 49 7.80 13.37 40.83
CA LEU C 49 7.13 13.04 42.07
C LEU C 49 7.94 11.97 42.76
N SER C 50 8.43 11.01 41.99
CA SER C 50 9.24 9.93 42.55
C SER C 50 10.57 10.42 43.12
N LEU C 51 11.25 11.32 42.43
CA LEU C 51 12.51 11.83 42.94
C LEU C 51 12.20 12.64 44.18
N GLY C 52 11.03 13.26 44.19
CA GLY C 52 10.62 14.05 45.33
C GLY C 52 10.35 13.12 46.49
N VAL C 53 9.53 12.09 46.29
CA VAL C 53 9.27 11.15 47.36
C VAL C 53 10.58 10.48 47.87
N SER C 54 11.56 10.31 46.99
CA SER C 54 12.84 9.71 47.39
C SER C 54 13.72 10.66 48.14
N LEU C 55 13.58 11.95 47.87
CA LEU C 55 14.39 12.89 48.60
C LEU C 55 13.79 13.01 50.00
N PHE C 56 12.48 12.87 50.10
CA PHE C 56 11.84 12.94 51.40
C PHE C 56 12.26 11.78 52.33
N SER C 57 12.28 10.56 51.81
CA SER C 57 12.62 9.44 52.65
C SER C 57 14.07 9.57 53.03
N LEU C 58 14.92 9.98 52.09
CA LEU C 58 16.32 10.17 52.41
C LEU C 58 16.47 11.11 53.57
N ALA C 59 15.86 12.29 53.48
CA ALA C 59 15.91 13.27 54.56
C ALA C 59 15.37 12.69 55.89
N ALA C 60 14.35 11.84 55.83
CA ALA C 60 13.81 11.25 57.09
C ALA C 60 14.90 10.38 57.79
N LEU C 61 15.84 9.85 56.98
CA LEU C 61 16.89 9.00 57.53
C LEU C 61 18.18 9.75 57.77
N LEU C 62 18.33 10.92 57.18
CA LEU C 62 19.58 11.63 57.32
C LEU C 62 19.66 12.96 58.06
N LEU C 63 18.56 13.67 58.17
CA LEU C 63 18.60 14.94 58.84
C LEU C 63 18.52 14.83 60.35
N PRO C 64 19.34 15.61 61.04
CA PRO C 64 19.39 15.61 62.50
C PRO C 64 18.05 15.86 63.15
N GLU C 65 17.34 16.85 62.63
CA GLU C 65 16.07 17.22 63.22
C GLU C 65 14.84 16.53 62.64
N GLN C 66 13.75 16.51 63.40
CA GLN C 66 12.53 15.89 62.92
C GLN C 66 11.62 16.93 62.26
N PHE C 67 10.73 16.45 61.39
CA PHE C 67 9.86 17.34 60.64
C PHE C 67 9.35 18.61 61.30
N PRO C 68 8.66 18.49 62.47
CA PRO C 68 8.11 19.65 63.18
C PRO C 68 9.05 20.81 63.35
N HIS C 69 10.33 20.49 63.54
CA HIS C 69 11.33 21.53 63.70
C HIS C 69 11.54 22.34 62.42
N TYR C 70 11.49 21.64 61.30
CA TYR C 70 11.69 22.29 60.02
C TYR C 70 10.49 23.14 59.64
N VAL C 71 9.32 22.65 60.04
CA VAL C 71 8.10 23.38 59.77
C VAL C 71 8.23 24.66 60.58
N ALA C 72 8.50 24.53 61.89
CA ALA C 72 8.66 25.71 62.72
C ALA C 72 9.66 26.63 62.02
N VAL C 73 10.89 26.18 61.85
CA VAL C 73 11.88 27.00 61.17
C VAL C 73 11.25 27.84 60.06
N VAL C 74 10.40 27.24 59.24
CA VAL C 74 9.83 28.02 58.16
C VAL C 74 8.81 29.04 58.63
N LYS C 75 7.98 28.66 59.61
CA LYS C 75 6.98 29.58 60.14
C LYS C 75 7.63 30.77 60.85
N SER C 76 8.88 30.61 61.24
CA SER C 76 9.61 31.65 61.95
C SER C 76 10.18 32.68 60.97
N LEU C 77 9.90 32.50 59.69
CA LEU C 77 10.37 33.44 58.69
C LEU C 77 9.17 34.26 58.27
N SER C 78 8.02 33.94 58.87
CA SER C 78 6.75 34.62 58.55
C SER C 78 6.87 35.13 57.12
N LEU C 79 6.71 34.20 56.18
CA LEU C 79 6.86 34.52 54.77
C LEU C 79 5.58 35.05 54.17
N SER C 80 5.74 35.88 53.15
CA SER C 80 4.63 36.48 52.44
C SER C 80 3.65 35.40 52.04
N PRO C 81 2.35 35.60 52.30
CA PRO C 81 1.38 34.57 51.92
C PRO C 81 1.57 34.24 50.44
N ALA C 82 1.72 35.28 49.62
CA ALA C 82 1.92 35.12 48.19
C ALA C 82 2.90 33.98 47.96
N LEU C 83 4.12 34.17 48.46
CA LEU C 83 5.15 33.15 48.34
C LEU C 83 4.61 31.82 48.90
N ILE C 84 3.96 31.87 50.05
CA ILE C 84 3.42 30.65 50.62
C ILE C 84 2.54 29.96 49.61
N TYR C 85 1.59 30.72 49.06
CA TYR C 85 0.64 30.19 48.10
C TYR C 85 1.36 29.71 46.86
N SER C 86 2.25 30.53 46.34
CA SER C 86 3.04 30.16 45.16
C SER C 86 3.77 28.82 45.33
N ALA C 87 4.41 28.63 46.48
CA ALA C 87 5.12 27.38 46.72
C ALA C 87 4.13 26.22 46.78
N LYS C 88 3.04 26.36 47.57
CA LYS C 88 2.08 25.27 47.70
C LYS C 88 1.57 24.85 46.34
N PHE C 89 1.22 25.85 45.54
CA PHE C 89 0.69 25.63 44.20
C PHE C 89 1.70 24.78 43.45
N ALA C 90 2.92 25.31 43.36
CA ALA C 90 4.02 24.63 42.70
C ALA C 90 4.23 23.26 43.26
N LEU C 91 3.85 23.06 44.51
CA LEU C 91 4.05 21.75 45.09
C LEU C 91 3.00 20.83 44.56
N VAL C 92 1.75 21.26 44.63
CA VAL C 92 0.68 20.36 44.21
C VAL C 92 0.36 20.26 42.70
N PHE C 93 0.91 21.15 41.88
CA PHE C 93 0.62 21.10 40.45
C PHE C 93 1.03 19.72 39.87
N PRO C 94 2.33 19.38 39.95
CA PRO C 94 2.80 18.11 39.42
C PRO C 94 1.93 16.98 39.82
N LEU C 95 1.62 16.92 41.10
CA LEU C 95 0.81 15.85 41.59
C LEU C 95 -0.57 15.94 40.99
N SER C 96 -1.11 17.14 40.93
CA SER C 96 -2.44 17.27 40.39
C SER C 96 -2.46 16.88 38.90
N TYR C 97 -1.55 17.46 38.12
CA TYR C 97 -1.47 17.13 36.72
C TYR C 97 -1.36 15.64 36.59
N HIS C 98 -0.34 15.06 37.24
CA HIS C 98 -0.10 13.59 37.12
C HIS C 98 -1.28 12.74 37.58
N THR C 99 -2.02 13.20 38.60
CA THR C 99 -3.16 12.43 39.07
C THR C 99 -4.28 12.43 38.01
N TRP C 100 -4.78 13.61 37.66
CA TRP C 100 -5.87 13.72 36.66
C TRP C 100 -5.49 13.01 35.37
N ASN C 101 -4.31 13.33 34.84
CA ASN C 101 -3.85 12.67 33.63
C ASN C 101 -3.67 11.16 33.85
N GLY C 102 -3.32 10.76 35.06
CA GLY C 102 -3.21 9.33 35.31
C GLY C 102 -4.58 8.69 35.21
N ILE C 103 -5.59 9.42 35.62
CA ILE C 103 -6.94 8.85 35.55
C ILE C 103 -7.31 8.74 34.09
N ARG C 104 -6.77 9.66 33.31
CA ARG C 104 -7.02 9.65 31.87
C ARG C 104 -6.44 8.36 31.31
N HIS C 105 -5.17 8.09 31.63
CA HIS C 105 -4.51 6.84 31.23
C HIS C 105 -5.32 5.63 31.71
N LEU C 106 -5.80 5.63 32.97
CA LEU C 106 -6.63 4.47 33.40
C LEU C 106 -7.89 4.33 32.57
N VAL C 107 -8.47 5.45 32.15
CA VAL C 107 -9.66 5.37 31.28
C VAL C 107 -9.23 4.75 29.96
N TRP C 108 -8.15 5.27 29.36
CA TRP C 108 -7.67 4.67 28.12
C TRP C 108 -7.44 3.19 28.28
N ASP C 109 -6.88 2.78 29.42
CA ASP C 109 -6.61 1.37 29.61
C ASP C 109 -7.88 0.54 29.63
N MET C 110 -8.99 1.19 29.89
CA MET C 110 -10.26 0.48 29.85
C MET C 110 -10.71 0.41 28.39
N GLY C 111 -9.98 1.13 27.53
CA GLY C 111 -10.27 1.17 26.11
C GLY C 111 -11.27 2.25 25.68
N LYS C 112 -11.41 3.32 26.44
CA LYS C 112 -12.37 4.36 26.08
C LYS C 112 -11.63 5.69 25.86
N GLY C 113 -12.19 6.54 25.00
CA GLY C 113 -11.58 7.84 24.71
C GLY C 113 -10.49 7.88 23.65
N PHE C 114 -10.53 6.93 22.72
CA PHE C 114 -9.52 6.83 21.69
C PHE C 114 -9.70 7.65 20.41
N LYS C 115 -10.91 8.13 20.13
CA LYS C 115 -11.08 8.98 18.97
C LYS C 115 -10.13 10.12 19.24
N LEU C 116 -9.37 10.50 18.22
CA LEU C 116 -8.41 11.59 18.36
C LEU C 116 -9.04 12.86 18.91
N SER C 117 -10.30 13.13 18.58
CA SER C 117 -10.92 14.34 19.09
C SER C 117 -11.28 14.20 20.56
N GLN C 118 -11.50 12.97 21.04
CA GLN C 118 -11.78 12.81 22.46
C GLN C 118 -10.46 12.87 23.26
N VAL C 119 -9.36 12.50 22.60
CA VAL C 119 -8.08 12.55 23.25
C VAL C 119 -7.77 14.03 23.53
N GLU C 120 -8.15 14.87 22.59
CA GLU C 120 -7.94 16.31 22.74
C GLU C 120 -8.89 16.83 23.82
N GLN C 121 -10.08 16.26 23.91
CA GLN C 121 -11.03 16.70 24.92
C GLN C 121 -10.54 16.33 26.31
N SER C 122 -10.37 15.03 26.55
CA SER C 122 -9.89 14.51 27.84
C SER C 122 -8.67 15.28 28.30
N GLY C 123 -7.78 15.58 27.37
CA GLY C 123 -6.60 16.30 27.75
C GLY C 123 -6.86 17.69 28.28
N VAL C 124 -7.66 18.44 27.52
CA VAL C 124 -8.01 19.79 27.94
C VAL C 124 -8.75 19.76 29.26
N VAL C 125 -9.67 18.81 29.43
CA VAL C 125 -10.39 18.69 30.70
C VAL C 125 -9.30 18.51 31.75
N VAL C 126 -8.41 17.55 31.50
CA VAL C 126 -7.33 17.33 32.45
C VAL C 126 -6.66 18.65 32.76
N LEU C 127 -6.33 19.42 31.73
CA LEU C 127 -5.62 20.66 32.04
C LEU C 127 -6.40 21.61 32.91
N ILE C 128 -7.72 21.67 32.74
CA ILE C 128 -8.45 22.64 33.53
C ILE C 128 -8.64 22.13 34.94
N LEU C 129 -8.95 20.85 35.07
CA LEU C 129 -9.09 20.24 36.38
C LEU C 129 -7.75 20.36 37.15
N THR C 130 -6.62 20.23 36.45
CA THR C 130 -5.31 20.35 37.10
C THR C 130 -5.17 21.77 37.66
N LEU C 131 -5.47 22.75 36.82
CA LEU C 131 -5.37 24.15 37.21
C LEU C 131 -6.34 24.43 38.40
N LEU C 132 -7.58 23.99 38.31
CA LEU C 132 -8.54 24.21 39.40
C LEU C 132 -8.18 23.53 40.71
N SER C 133 -7.85 22.25 40.66
CA SER C 133 -7.52 21.53 41.88
C SER C 133 -6.28 22.12 42.51
N SER C 134 -5.29 22.48 41.71
CA SER C 134 -4.11 23.09 42.31
C SER C 134 -4.48 24.38 43.07
N ALA C 135 -5.12 25.30 42.37
CA ALA C 135 -5.53 26.55 42.97
C ALA C 135 -6.31 26.27 44.25
N GLY C 136 -7.36 25.45 44.16
CA GLY C 136 -8.13 25.11 45.34
C GLY C 136 -7.20 24.70 46.49
N ILE C 137 -6.43 23.64 46.27
CA ILE C 137 -5.51 23.14 47.27
C ILE C 137 -4.48 24.15 47.79
N ALA C 138 -3.75 24.82 46.89
CA ALA C 138 -2.76 25.78 47.32
C ALA C 138 -3.40 26.84 48.19
N ALA C 139 -4.73 26.91 48.16
CA ALA C 139 -5.46 27.90 48.94
C ALA C 139 -5.87 27.34 50.27
N ILE C 140 -6.02 26.02 50.36
CA ILE C 140 -6.41 25.38 51.62
C ILE C 140 -5.31 25.63 52.70
N SER C 141 -5.58 25.19 53.92
N SER D 2 6.37 -17.84 34.85
CA SER D 2 4.98 -17.63 34.32
C SER D 2 5.01 -17.06 32.89
N SER D 3 4.26 -17.71 32.01
CA SER D 3 4.18 -17.28 30.63
C SER D 3 3.50 -15.92 30.49
N LYS D 4 2.58 -15.61 31.42
CA LYS D 4 1.86 -14.36 31.37
C LYS D 4 2.43 -13.25 32.22
N ALA D 5 3.72 -13.33 32.50
CA ALA D 5 4.38 -12.33 33.31
C ALA D 5 4.19 -10.91 32.83
N ALA D 6 4.41 -10.67 31.54
CA ALA D 6 4.30 -9.32 31.05
C ALA D 6 2.90 -8.69 31.21
N SER D 7 1.85 -9.45 30.95
CA SER D 7 0.52 -8.92 31.12
C SER D 7 0.12 -8.86 32.58
N LEU D 8 0.68 -9.73 33.42
CA LEU D 8 0.31 -9.71 34.85
C LEU D 8 0.83 -8.43 35.46
N HIS D 9 2.01 -8.04 35.03
CA HIS D 9 2.63 -6.85 35.53
C HIS D 9 1.84 -5.62 35.11
N TRP D 10 1.52 -5.55 33.82
CA TRP D 10 0.77 -4.41 33.27
C TRP D 10 -0.46 -4.19 34.10
N THR D 11 -1.19 -5.27 34.37
CA THR D 11 -2.41 -5.25 35.20
C THR D 11 -2.05 -4.74 36.60
N SER D 12 -1.14 -5.43 37.29
CA SER D 12 -0.74 -5.01 38.62
C SER D 12 -0.39 -3.54 38.63
N GLU D 13 0.33 -3.08 37.61
CA GLU D 13 0.69 -1.68 37.54
C GLU D 13 -0.54 -0.77 37.61
N ARG D 14 -1.55 -1.08 36.80
CA ARG D 14 -2.78 -0.30 36.77
C ARG D 14 -3.56 -0.40 38.08
N ALA D 15 -3.56 -1.60 38.63
CA ALA D 15 -4.23 -1.89 39.86
C ALA D 15 -3.63 -1.04 40.98
N VAL D 16 -2.32 -0.83 40.89
CA VAL D 16 -1.67 -0.09 41.93
C VAL D 16 -1.93 1.39 41.80
N SER D 17 -2.01 1.87 40.57
CA SER D 17 -2.32 3.29 40.37
C SER D 17 -3.70 3.51 40.91
N ALA D 18 -4.61 2.62 40.58
CA ALA D 18 -5.98 2.78 41.05
C ALA D 18 -6.00 2.78 42.58
N LEU D 19 -5.04 2.05 43.14
CA LEU D 19 -4.89 1.93 44.58
C LEU D 19 -4.45 3.26 45.18
N LEU D 20 -3.39 3.77 44.58
CA LEU D 20 -2.76 5.00 44.99
C LEU D 20 -3.73 6.15 44.84
N LEU D 21 -4.59 6.07 43.83
CA LEU D 21 -5.60 7.11 43.59
C LEU D 21 -6.54 7.13 44.78
N GLY D 22 -7.01 5.96 45.17
CA GLY D 22 -7.91 5.88 46.31
C GLY D 22 -7.29 6.35 47.62
N LEU D 23 -5.99 6.19 47.78
CA LEU D 23 -5.40 6.64 49.02
C LEU D 23 -5.37 8.15 49.13
N LEU D 24 -5.52 8.87 48.01
CA LEU D 24 -5.49 10.33 48.09
C LEU D 24 -6.68 10.81 48.89
N PRO D 25 -7.88 10.30 48.58
CA PRO D 25 -9.06 10.73 49.33
C PRO D 25 -9.02 10.12 50.73
N ALA D 26 -8.52 8.90 50.83
CA ALA D 26 -8.41 8.22 52.11
C ALA D 26 -7.44 8.92 53.08
N ALA D 27 -6.44 9.60 52.54
CA ALA D 27 -5.47 10.25 53.42
C ALA D 27 -6.01 11.55 53.97
N TYR D 28 -7.00 12.11 53.29
CA TYR D 28 -7.58 13.37 53.72
C TYR D 28 -8.86 13.17 54.52
N LEU D 29 -9.44 11.99 54.44
CA LEU D 29 -10.65 11.68 55.18
C LEU D 29 -10.41 10.74 56.36
N TYR D 30 -9.34 9.97 56.31
CA TYR D 30 -9.04 9.08 57.41
C TYR D 30 -7.53 9.04 57.66
N PRO D 31 -6.89 10.21 57.76
CA PRO D 31 -5.44 10.26 57.99
C PRO D 31 -5.05 9.52 59.24
N GLY D 32 -3.91 8.83 59.17
CA GLY D 32 -3.44 8.06 60.29
C GLY D 32 -2.49 6.96 59.85
N PRO D 33 -1.99 6.16 60.79
CA PRO D 33 -1.06 5.08 60.47
C PRO D 33 -1.46 4.23 59.26
N ALA D 34 -2.56 3.50 59.40
CA ALA D 34 -3.06 2.64 58.34
C ALA D 34 -2.88 3.21 56.93
N VAL D 35 -3.28 4.46 56.72
CA VAL D 35 -3.17 5.10 55.40
C VAL D 35 -1.71 5.50 55.13
N ASP D 36 -1.03 6.00 56.15
CA ASP D 36 0.37 6.39 56.02
C ASP D 36 1.25 5.23 55.52
N TYR D 37 0.96 4.03 55.97
CA TYR D 37 1.79 2.92 55.53
C TYR D 37 1.37 2.48 54.14
N SER D 38 0.06 2.54 53.91
CA SER D 38 -0.47 2.12 52.62
C SER D 38 0.11 2.98 51.53
N LEU D 39 0.30 4.25 51.85
CA LEU D 39 0.86 5.24 50.95
C LEU D 39 2.35 4.96 50.74
N ALA D 40 2.99 4.48 51.80
CA ALA D 40 4.40 4.17 51.74
C ALA D 40 4.57 3.02 50.74
N ALA D 41 3.77 1.99 50.94
CA ALA D 41 3.84 0.83 50.09
C ALA D 41 3.48 1.18 48.66
N ALA D 42 2.31 1.81 48.51
CA ALA D 42 1.78 2.18 47.21
C ALA D 42 2.68 3.16 46.47
N LEU D 43 3.15 4.20 47.14
CA LEU D 43 4.03 5.14 46.46
C LEU D 43 5.33 4.49 46.05
N THR D 44 5.81 3.54 46.84
CA THR D 44 7.09 2.97 46.50
C THR D 44 6.99 2.09 45.30
N LEU D 45 6.00 1.21 45.35
CA LEU D 45 5.78 0.28 44.26
C LEU D 45 5.52 1.01 42.93
N HIS D 46 4.53 1.92 42.92
CA HIS D 46 4.16 2.69 41.72
C HIS D 46 5.37 3.42 41.20
N GLY D 47 6.08 4.11 42.07
CA GLY D 47 7.22 4.84 41.58
C GLY D 47 8.30 3.91 41.05
N HIS D 48 8.29 2.69 41.57
CA HIS D 48 9.33 1.78 41.17
C HIS D 48 9.00 1.24 39.78
N TRP D 49 7.84 0.64 39.65
CA TRP D 49 7.44 0.12 38.36
C TRP D 49 7.55 1.19 37.32
N GLY D 50 7.09 2.39 37.67
CA GLY D 50 7.16 3.48 36.74
C GLY D 50 8.56 3.88 36.32
N LEU D 51 9.47 3.99 37.28
CA LEU D 51 10.82 4.36 36.92
C LEU D 51 11.44 3.24 36.07
N GLY D 52 10.97 2.03 36.29
CA GLY D 52 11.45 0.91 35.49
C GLY D 52 11.05 0.99 34.01
N GLN D 53 9.89 1.58 33.76
CA GLN D 53 9.36 1.72 32.38
C GLN D 53 10.21 2.73 31.72
N VAL D 54 10.65 3.71 32.51
CA VAL D 54 11.49 4.77 32.00
C VAL D 54 12.86 4.24 31.59
N ILE D 55 13.45 3.44 32.47
CA ILE D 55 14.75 2.84 32.21
C ILE D 55 14.60 1.94 30.99
N THR D 56 13.57 1.13 31.00
CA THR D 56 13.30 0.21 29.91
C THR D 56 13.23 0.98 28.58
N ASP D 57 12.59 2.12 28.61
CA ASP D 57 12.47 2.86 27.38
C ASP D 57 13.77 3.54 26.95
N TYR D 58 14.47 4.17 27.88
CA TYR D 58 15.66 4.92 27.54
C TYR D 58 17.05 4.32 27.87
N VAL D 59 17.11 3.14 28.44
CA VAL D 59 18.43 2.61 28.74
C VAL D 59 18.67 1.41 27.86
N HIS D 60 19.76 1.46 27.08
CA HIS D 60 20.07 0.32 26.23
C HIS D 60 21.45 -0.27 26.47
N GLY D 61 21.59 -1.54 26.11
CA GLY D 61 22.82 -2.27 26.35
C GLY D 61 22.52 -3.16 27.56
N ASP D 62 22.97 -4.41 27.52
CA ASP D 62 22.72 -5.35 28.62
C ASP D 62 23.18 -4.85 29.98
N THR D 63 24.36 -4.25 29.99
CA THR D 63 24.98 -3.73 31.21
C THR D 63 24.36 -2.47 31.75
N PRO D 64 24.32 -1.40 30.94
CA PRO D 64 23.71 -0.16 31.42
C PRO D 64 22.34 -0.47 32.03
N ILE D 65 21.56 -1.28 31.36
CA ILE D 65 20.24 -1.65 31.85
C ILE D 65 20.36 -2.30 33.21
N LYS D 66 21.14 -3.37 33.27
CA LYS D 66 21.41 -4.14 34.49
C LYS D 66 21.70 -3.19 35.65
N VAL D 67 22.54 -2.22 35.36
CA VAL D 67 22.97 -1.19 36.29
C VAL D 67 21.87 -0.27 36.79
N ALA D 68 21.20 0.36 35.80
CA ALA D 68 20.15 1.30 36.05
C ALA D 68 19.14 0.61 36.91
N ASN D 69 18.78 -0.60 36.51
CA ASN D 69 17.80 -1.38 37.25
C ASN D 69 18.26 -1.70 38.65
N THR D 70 19.55 -1.99 38.77
CA THR D 70 20.10 -2.31 40.05
C THR D 70 19.96 -1.13 40.96
N GLY D 71 20.47 0.00 40.54
CA GLY D 71 20.37 1.21 41.37
C GLY D 71 18.96 1.72 41.64
N LEU D 72 18.00 1.30 40.81
CA LEU D 72 16.63 1.71 41.01
C LEU D 72 16.11 0.92 42.18
N TYR D 73 16.45 -0.36 42.17
CA TYR D 73 16.05 -1.26 43.22
C TYR D 73 16.56 -0.79 44.59
N VAL D 74 17.68 -0.09 44.59
CA VAL D 74 18.28 0.42 45.81
C VAL D 74 17.54 1.67 46.21
N LEU D 75 17.40 2.58 45.25
CA LEU D 75 16.66 3.82 45.47
C LEU D 75 15.28 3.47 46.08
N SER D 76 14.57 2.52 45.51
CA SER D 76 13.26 2.12 46.01
C SER D 76 13.20 1.46 47.39
N ALA D 77 14.10 0.52 47.67
CA ALA D 77 14.08 -0.11 49.00
C ALA D 77 14.47 0.99 50.00
N ILE D 78 15.43 1.83 49.63
CA ILE D 78 15.78 2.90 50.53
C ILE D 78 14.57 3.78 50.76
N THR D 79 13.93 4.22 49.67
CA THR D 79 12.75 5.08 49.79
C THR D 79 11.68 4.43 50.70
N PHE D 80 11.29 3.20 50.40
CA PHE D 80 10.28 2.58 51.21
C PHE D 80 10.74 2.56 52.66
N THR D 81 12.03 2.34 52.85
CA THR D 81 12.54 2.28 54.20
C THR D 81 12.43 3.60 54.90
N GLY D 82 12.95 4.64 54.25
CA GLY D 82 12.86 5.95 54.83
C GLY D 82 11.42 6.41 55.06
N LEU D 83 10.50 6.07 54.16
CA LEU D 83 9.10 6.48 54.35
C LEU D 83 8.53 5.76 55.57
N CYS D 84 8.94 4.53 55.76
CA CYS D 84 8.48 3.77 56.90
C CYS D 84 9.14 4.33 58.16
N TYR D 85 10.36 4.84 58.04
CA TYR D 85 10.98 5.40 59.22
C TYR D 85 10.14 6.59 59.67
N PHE D 86 9.84 7.46 58.70
CA PHE D 86 9.09 8.68 58.97
C PHE D 86 7.77 8.34 59.64
N ASN D 87 7.13 7.31 59.16
CA ASN D 87 5.85 6.93 59.70
C ASN D 87 5.96 6.39 61.09
N TYR D 88 7.11 5.81 61.41
CA TYR D 88 7.28 5.21 62.72
C TYR D 88 7.87 6.13 63.73
N TYR D 89 8.92 6.83 63.34
CA TYR D 89 9.61 7.72 64.27
C TYR D 89 9.24 9.17 64.24
N ASP D 90 8.43 9.57 63.28
CA ASP D 90 8.06 10.97 63.14
C ASP D 90 6.56 11.03 63.01
N VAL D 91 6.03 12.16 62.59
CA VAL D 91 4.58 12.31 62.49
C VAL D 91 3.86 11.37 61.50
N GLY D 92 4.56 10.93 60.44
CA GLY D 92 3.93 10.07 59.45
C GLY D 92 3.49 10.97 58.26
N ILE D 93 3.23 10.37 57.11
CA ILE D 93 2.90 11.16 55.93
C ILE D 93 1.72 12.11 56.01
N CYS D 94 0.56 11.64 56.46
CA CYS D 94 -0.62 12.51 56.51
C CYS D 94 -0.41 13.73 57.37
N LYS D 95 -0.20 13.49 58.66
CA LYS D 95 0.00 14.57 59.59
C LYS D 95 1.06 15.54 59.07
N ALA D 96 2.12 15.02 58.45
CA ALA D 96 3.17 15.91 57.95
C ALA D 96 2.63 16.88 56.94
N VAL D 97 1.94 16.36 55.93
CA VAL D 97 1.35 17.16 54.87
C VAL D 97 0.54 18.30 55.50
N ALA D 98 -0.38 17.91 56.35
CA ALA D 98 -1.22 18.86 57.07
C ALA D 98 -0.39 19.93 57.74
N MET D 99 0.73 19.55 58.33
CA MET D 99 1.55 20.55 59.00
C MET D 99 2.22 21.43 57.95
N LEU D 100 2.64 20.82 56.85
CA LEU D 100 3.29 21.60 55.82
C LEU D 100 2.28 22.59 55.29
N TRP D 101 1.03 22.14 55.19
CA TRP D 101 -0.05 22.95 54.69
C TRP D 101 -0.59 23.81 55.81
N SER D 102 0.29 24.28 56.68
CA SER D 102 -0.13 25.13 57.79
C SER D 102 0.77 26.34 57.80
N ILE D 103 1.83 26.27 57.00
CA ILE D 103 2.78 27.35 56.90
C ILE D 103 2.24 28.56 56.14
#